data_5T2D
#
_entry.id   5T2D
#
_cell.length_a   63.916
_cell.length_b   142.418
_cell.length_c   220.671
_cell.angle_alpha   90.00
_cell.angle_beta   90.00
_cell.angle_gamma   90.00
#
_symmetry.space_group_name_H-M   'C 2 2 21'
#
loop_
_entity.id
_entity.type
_entity.pdbx_description
1 polymer 'Phosphatidylinositol 4,5-bisphosphate 3-kinase catalytic subunit delta isoform'
2 non-polymer 4-[3-azanyl-6-[1-methyl-5-(1-phenylcyclopropyl)-1,2,4-triazol-3-yl]pyrazin-2-yl]-~{N},~{N}-dimethyl-pyrazole-1-sulfonamide
3 water water
#
_entity_poly.entity_id   1
_entity_poly.type   'polypeptide(L)'
_entity_poly.pdbx_seq_one_letter_code
;GDRVKKLINSQISLLIGKGLHEFDSLRDPEVNDFRTKMRQFCEEAAAHRQQLGWVEWLQYSFPLQLEPSARGWRAGLLRV
SNRALLVNVKFEGSEESFTFQVSTKDMPLALMACALRKKATVFRQPLVEQPEEYALQVNGRHEYLYGNYPLCHFQYICSC
LHSGLTPHLTMVHSSSILAMRDEQSNPAPQVQKPRAKPPPIPAKKPSSVSLWSLEQPFSIELIEGRKVNADERMKLVVQA
GLFHGNEMLCKTVSSSEVNVCSEPVWKQRLEFDISVCDLPRMARLCFALYAVVEKAKKARSTKKKSKKADCPIAWANLML
FDYKDQLKTGERCLYMWPSVPDEKGELLNPAGTVRGNPNTESAAALVIYLPEVAPHPVYFPALEKILELGRHGERGRITE
EEQLQLREILERRGSGELYEHEKDLVWKMRHEVQEHFPEALARLLLVTKWNKHEDVAQMLYLLCSWPELPVLSALELLDF
SFPDCYVGSFAIKSLRKLTDDELFQYLLQLVQVLKYESYLDCELTKFLLGRALANRKIGHFLFWHLRSEMHVPSVALRFG
LIMEAYCRGSTHHMKVLMKQGEALSKLKALNDFVKVSSQKTTKPQTKEMMHMCMRQETYMEALSHLQSPLDPSTLLEEVC
VEQCTFMDSKMKPLWIMYSSEEAGSAGNVGIIFKNGDDLRQDMLTLQMIQLMDVLWKQEGLDLRMTPYGCLPTGDRTGLI
EVVLHSDTIANIQLNKSNMAATAAFNKDALLNWLKSKNPGEALDRAIEEFTLSCAGYCVATYVLGIGDRHSDNIMIRESG
QLFHIDFGHFLGNFKTKFGINRERVPFILTYDFVHVIQQGKTNNSEKFERFRGYCERAYTILRRHGLLFLHLFALMRAAG
LPELSCSKDIQYLKDSLALGKTEEEALKHFRVKFNEALRESWKTKVNWLAHNVSKDNRQ
;
_entity_poly.pdbx_strand_id   A
#
loop_
_chem_comp.id
_chem_comp.type
_chem_comp.name
_chem_comp.formula
74L non-polymer 4-[3-azanyl-6-[1-methyl-5-(1-phenylcyclopropyl)-1,2,4-triazol-3-yl]pyrazin-2-yl]-~{N},~{N}-dimethyl-pyrazole-1-sulfonamide 'C21 H23 N9 O2 S'
#
# COMPACT_ATOMS: atom_id res chain seq x y z
N VAL A 4 12.43 29.99 15.87
CA VAL A 4 11.22 29.18 16.15
C VAL A 4 10.96 28.16 15.03
N LYS A 5 10.80 28.65 13.78
CA LYS A 5 10.54 27.83 12.60
C LYS A 5 11.82 27.12 12.13
N LYS A 6 12.99 27.55 12.63
CA LYS A 6 14.29 26.94 12.33
C LYS A 6 14.32 25.52 12.88
N LEU A 7 13.83 25.31 14.11
CA LEU A 7 13.77 24.00 14.75
C LEU A 7 12.80 23.10 13.98
N ILE A 8 11.62 23.63 13.58
CA ILE A 8 10.62 22.91 12.75
C ILE A 8 11.28 22.44 11.44
N ASN A 9 12.15 23.32 10.87
CA ASN A 9 12.92 23.05 9.66
C ASN A 9 13.94 21.96 9.96
N SER A 10 14.61 22.02 11.11
CA SER A 10 15.62 21.03 11.49
C SER A 10 14.96 19.68 11.82
N GLN A 11 13.75 19.71 12.36
CA GLN A 11 12.99 18.52 12.73
C GLN A 11 12.54 17.74 11.51
N ILE A 12 11.99 18.43 10.47
CA ILE A 12 11.57 17.84 9.17
C ILE A 12 12.76 17.10 8.56
N SER A 13 13.93 17.77 8.52
CA SER A 13 15.20 17.25 8.00
C SER A 13 15.58 15.90 8.59
N LEU A 14 15.56 15.79 9.93
CA LEU A 14 15.87 14.56 10.65
C LEU A 14 14.81 13.49 10.40
N LEU A 15 13.54 13.91 10.29
CA LEU A 15 12.39 13.03 10.09
C LEU A 15 12.27 12.46 8.66
N ILE A 16 12.58 13.26 7.65
CA ILE A 16 12.41 12.80 6.28
C ILE A 16 13.69 12.14 5.79
N GLY A 17 14.73 12.16 6.60
CA GLY A 17 16.02 11.56 6.25
C GLY A 17 16.81 12.32 5.20
N LYS A 18 16.47 13.61 4.97
CA LYS A 18 17.14 14.47 4.00
C LYS A 18 17.04 15.91 4.45
N GLY A 19 18.18 16.59 4.53
CA GLY A 19 18.24 18.00 4.93
C GLY A 19 17.57 18.90 3.90
N LEU A 20 16.78 19.88 4.38
CA LEU A 20 16.06 20.82 3.51
C LEU A 20 17.00 21.72 2.72
N HIS A 21 18.27 21.83 3.18
CA HIS A 21 19.34 22.57 2.50
C HIS A 21 19.65 21.89 1.14
N GLU A 22 19.52 20.53 1.07
CA GLU A 22 19.73 19.73 -0.14
C GLU A 22 18.78 20.13 -1.29
N PHE A 23 17.54 20.54 -0.95
CA PHE A 23 16.55 20.99 -1.94
C PHE A 23 16.94 22.36 -2.50
N ASP A 24 17.56 23.22 -1.67
CA ASP A 24 18.01 24.53 -2.11
C ASP A 24 19.27 24.43 -3.00
N SER A 25 20.27 23.61 -2.56
CA SER A 25 21.55 23.34 -3.25
C SER A 25 21.41 23.09 -4.74
N LEU A 26 20.37 22.34 -5.14
CA LEU A 26 20.05 21.99 -6.51
C LEU A 26 19.79 23.22 -7.38
N ARG A 27 19.20 24.29 -6.78
CA ARG A 27 18.80 25.56 -7.42
C ARG A 27 17.93 25.24 -8.64
N ASP A 28 16.82 24.55 -8.37
CA ASP A 28 15.85 24.06 -9.35
C ASP A 28 14.53 24.81 -9.16
N PRO A 29 14.04 25.56 -10.17
CA PRO A 29 12.76 26.28 -9.99
C PRO A 29 11.54 25.36 -9.93
N GLU A 30 11.70 24.05 -10.28
CA GLU A 30 10.58 23.12 -10.18
C GLU A 30 10.40 22.68 -8.72
N VAL A 31 11.54 22.43 -8.04
CA VAL A 31 11.59 22.05 -6.64
C VAL A 31 11.12 23.25 -5.82
N ASN A 32 11.65 24.44 -6.13
CA ASN A 32 11.34 25.68 -5.42
C ASN A 32 9.87 26.09 -5.56
N ASP A 33 9.27 25.92 -6.75
CA ASP A 33 7.86 26.27 -6.92
C ASP A 33 6.91 25.20 -6.38
N PHE A 34 7.36 23.93 -6.29
CA PHE A 34 6.57 22.85 -5.72
C PHE A 34 6.42 23.15 -4.24
N ARG A 35 7.55 23.49 -3.58
CA ARG A 35 7.64 23.81 -2.16
C ARG A 35 6.79 25.00 -1.74
N THR A 36 6.74 26.07 -2.56
CA THR A 36 5.97 27.28 -2.21
C THR A 36 4.46 27.05 -2.32
N LYS A 37 4.02 26.42 -3.44
CA LYS A 37 2.63 26.09 -3.75
C LYS A 37 2.09 25.08 -2.72
N MET A 38 2.74 23.90 -2.63
CA MET A 38 2.37 22.84 -1.67
C MET A 38 2.32 23.33 -0.23
N ARG A 39 3.37 24.01 0.29
CA ARG A 39 3.33 24.59 1.64
C ARG A 39 2.05 25.42 1.85
N GLN A 40 1.70 26.32 0.90
CA GLN A 40 0.48 27.14 0.98
C GLN A 40 -0.79 26.29 1.02
N PHE A 41 -0.89 25.29 0.11
CA PHE A 41 -2.01 24.33 0.04
C PHE A 41 -2.13 23.52 1.34
N CYS A 42 -0.98 23.13 1.90
CA CYS A 42 -0.90 22.34 3.12
C CYS A 42 -1.25 23.16 4.37
N GLU A 43 -0.90 24.47 4.37
CA GLU A 43 -1.21 25.39 5.47
C GLU A 43 -2.69 25.78 5.48
N GLU A 44 -3.31 25.89 4.29
CA GLU A 44 -4.74 26.13 4.10
C GLU A 44 -5.56 24.95 4.65
N ALA A 45 -5.04 23.70 4.46
CA ALA A 45 -5.62 22.44 4.93
C ALA A 45 -5.48 22.28 6.43
N ALA A 46 -4.40 22.82 7.00
CA ALA A 46 -4.19 22.80 8.45
C ALA A 46 -5.10 23.83 9.14
N ALA A 47 -5.40 24.95 8.43
CA ALA A 47 -6.23 26.06 8.89
C ALA A 47 -7.70 25.66 9.07
N HIS A 48 -8.32 25.13 8.01
CA HIS A 48 -9.70 24.64 7.98
C HIS A 48 -9.92 23.61 9.07
N ARG A 49 -8.88 22.83 9.35
CA ARG A 49 -8.83 21.80 10.38
C ARG A 49 -8.87 22.40 11.78
N GLN A 50 -8.28 23.59 11.97
CA GLN A 50 -8.28 24.27 13.26
C GLN A 50 -9.64 24.90 13.60
N GLN A 51 -10.53 25.05 12.60
CA GLN A 51 -11.86 25.62 12.78
C GLN A 51 -12.99 24.57 12.61
N LEU A 52 -12.60 23.27 12.56
CA LEU A 52 -13.53 22.14 12.46
C LEU A 52 -14.28 21.97 13.78
N GLY A 53 -15.52 21.51 13.69
CA GLY A 53 -16.35 21.21 14.85
C GLY A 53 -15.75 20.02 15.57
N TRP A 54 -16.02 19.90 16.88
CA TRP A 54 -15.43 18.85 17.70
C TRP A 54 -15.68 17.42 17.19
N VAL A 55 -16.82 17.17 16.53
CA VAL A 55 -17.06 15.83 15.97
C VAL A 55 -16.22 15.65 14.70
N GLU A 56 -16.21 16.65 13.81
CA GLU A 56 -15.40 16.66 12.57
C GLU A 56 -13.91 16.38 12.85
N TRP A 57 -13.41 16.83 14.05
CA TRP A 57 -12.04 16.61 14.51
C TRP A 57 -11.85 15.14 14.86
N LEU A 58 -12.87 14.48 15.43
CA LEU A 58 -12.78 13.07 15.77
C LEU A 58 -12.64 12.25 14.50
N GLN A 59 -13.40 12.62 13.44
CA GLN A 59 -13.34 12.00 12.11
C GLN A 59 -11.93 12.19 11.50
N TYR A 60 -11.16 13.17 12.02
CA TYR A 60 -9.81 13.48 11.56
C TYR A 60 -8.77 12.70 12.37
N SER A 61 -8.62 13.04 13.66
CA SER A 61 -7.63 12.43 14.55
C SER A 61 -7.87 10.94 14.72
N PHE A 62 -9.14 10.53 14.88
CA PHE A 62 -9.55 9.14 15.14
C PHE A 62 -10.66 8.67 14.16
N PRO A 63 -10.36 8.42 12.86
CA PRO A 63 -11.42 7.95 11.93
C PRO A 63 -12.00 6.61 12.35
N LEU A 64 -13.35 6.52 12.29
CA LEU A 64 -14.11 5.33 12.67
C LEU A 64 -13.69 4.04 12.00
N GLN A 65 -13.34 3.08 12.84
CA GLN A 65 -13.00 1.74 12.38
C GLN A 65 -14.30 0.91 12.47
N LEU A 66 -15.06 0.91 11.36
CA LEU A 66 -16.34 0.21 11.24
C LEU A 66 -16.22 -1.06 10.41
N GLU A 67 -16.96 -2.11 10.80
CA GLU A 67 -16.99 -3.40 10.15
C GLU A 67 -17.51 -3.29 8.71
N PRO A 68 -16.94 -4.07 7.75
CA PRO A 68 -17.42 -3.99 6.35
C PRO A 68 -18.90 -4.31 6.14
N ASN A 82 -29.76 -7.14 18.97
CA ASN A 82 -29.68 -8.52 18.49
C ASN A 82 -29.36 -9.48 19.67
N ARG A 83 -28.16 -9.32 20.29
CA ARG A 83 -27.70 -10.13 21.43
C ARG A 83 -27.00 -9.21 22.43
N ALA A 84 -27.49 -9.19 23.69
CA ALA A 84 -26.96 -8.34 24.77
C ALA A 84 -25.51 -8.63 25.15
N LEU A 85 -24.80 -7.59 25.67
CA LEU A 85 -23.41 -7.67 26.10
C LEU A 85 -23.10 -6.71 27.27
N LEU A 86 -22.07 -7.07 28.08
CA LEU A 86 -21.60 -6.27 29.21
C LEU A 86 -20.57 -5.27 28.71
N VAL A 87 -20.75 -3.97 29.03
CA VAL A 87 -19.82 -2.91 28.61
C VAL A 87 -19.42 -2.05 29.82
N ASN A 88 -18.11 -2.01 30.13
CA ASN A 88 -17.58 -1.23 31.24
C ASN A 88 -17.25 0.21 30.82
N VAL A 89 -17.97 1.18 31.39
CA VAL A 89 -17.83 2.60 31.06
C VAL A 89 -17.40 3.42 32.26
N LYS A 90 -16.42 4.28 32.05
CA LYS A 90 -15.92 5.23 33.04
C LYS A 90 -15.86 6.66 32.43
N PHE A 91 -15.41 7.65 33.22
CA PHE A 91 -15.23 9.05 32.83
C PHE A 91 -13.74 9.40 32.99
N GLU A 92 -13.31 10.63 32.64
CA GLU A 92 -11.89 11.00 32.70
C GLU A 92 -11.31 11.19 34.13
N GLY A 93 -11.78 12.22 34.83
CA GLY A 93 -11.30 12.59 36.17
C GLY A 93 -11.62 11.64 37.32
N SER A 94 -11.80 10.32 37.03
CA SER A 94 -12.12 9.30 38.03
C SER A 94 -11.69 7.89 37.60
N GLU A 95 -11.48 7.00 38.60
CA GLU A 95 -11.14 5.58 38.44
C GLU A 95 -12.43 4.74 38.50
N GLU A 96 -13.53 5.35 38.97
CA GLU A 96 -14.87 4.75 39.07
C GLU A 96 -15.42 4.39 37.69
N SER A 97 -15.74 3.12 37.53
CA SER A 97 -16.31 2.56 36.31
C SER A 97 -17.65 1.92 36.63
N PHE A 98 -18.49 1.73 35.60
CA PHE A 98 -19.81 1.12 35.74
C PHE A 98 -19.94 0.07 34.66
N THR A 99 -20.42 -1.12 35.01
CA THR A 99 -20.62 -2.19 34.02
C THR A 99 -22.12 -2.33 33.73
N PHE A 100 -22.49 -2.06 32.47
CA PHE A 100 -23.87 -2.10 31.99
C PHE A 100 -24.19 -3.41 31.28
N GLN A 101 -25.45 -3.54 30.85
CA GLN A 101 -25.97 -4.69 30.12
C GLN A 101 -26.71 -4.09 28.92
N VAL A 102 -25.92 -3.60 27.95
CA VAL A 102 -26.41 -2.98 26.72
C VAL A 102 -26.56 -4.04 25.60
N SER A 103 -27.23 -3.66 24.50
CA SER A 103 -27.45 -4.54 23.36
C SER A 103 -26.50 -4.17 22.24
N THR A 104 -26.17 -5.15 21.38
CA THR A 104 -25.31 -4.94 20.21
C THR A 104 -25.94 -4.01 19.18
N LYS A 105 -27.30 -3.92 19.17
CA LYS A 105 -28.10 -3.06 18.28
C LYS A 105 -28.20 -1.59 18.75
N ASP A 106 -27.72 -1.30 19.98
CA ASP A 106 -27.74 0.04 20.61
C ASP A 106 -26.76 0.98 19.93
N MET A 107 -27.17 2.25 19.73
CA MET A 107 -26.32 3.30 19.18
C MET A 107 -25.41 3.74 20.35
N PRO A 108 -24.19 4.29 20.13
CA PRO A 108 -23.36 4.73 21.29
C PRO A 108 -24.01 5.77 22.21
N LEU A 109 -24.93 6.59 21.67
CA LEU A 109 -25.68 7.66 22.35
C LEU A 109 -26.51 7.15 23.54
N ALA A 110 -27.14 5.96 23.37
CA ALA A 110 -27.94 5.31 24.41
C ALA A 110 -27.02 4.90 25.55
N LEU A 111 -25.83 4.36 25.22
CA LEU A 111 -24.79 3.96 26.17
C LEU A 111 -24.23 5.21 26.86
N MET A 112 -24.10 6.31 26.11
CA MET A 112 -23.63 7.59 26.61
C MET A 112 -24.66 8.14 27.59
N ALA A 113 -25.96 7.90 27.32
CA ALA A 113 -27.07 8.33 28.18
C ALA A 113 -27.05 7.58 29.52
N CYS A 114 -26.88 6.22 29.49
CA CYS A 114 -26.82 5.33 30.67
C CYS A 114 -25.66 5.70 31.56
N ALA A 115 -24.51 6.05 30.96
CA ALA A 115 -23.29 6.46 31.66
C ALA A 115 -23.54 7.77 32.39
N LEU A 116 -24.28 8.70 31.76
CA LEU A 116 -24.65 9.99 32.36
C LEU A 116 -25.72 9.84 33.43
N ARG A 117 -26.67 8.90 33.24
CA ARG A 117 -27.74 8.61 34.20
C ARG A 117 -27.12 7.98 35.45
N LYS A 118 -26.25 6.96 35.28
CA LYS A 118 -25.56 6.30 36.39
C LYS A 118 -24.56 7.21 37.08
N LYS A 119 -24.04 8.24 36.38
CA LYS A 119 -23.14 9.24 36.97
C LYS A 119 -23.96 10.15 37.89
N ALA A 120 -25.21 10.48 37.48
CA ALA A 120 -26.14 11.33 38.21
C ALA A 120 -26.56 10.76 39.54
N THR A 121 -26.83 9.41 39.63
CA THR A 121 -27.25 8.74 40.88
C THR A 121 -26.10 8.65 41.88
N VAL A 122 -24.87 8.43 41.41
CA VAL A 122 -23.67 8.36 42.23
C VAL A 122 -23.35 9.76 42.80
N PHE A 123 -23.49 10.81 41.95
CA PHE A 123 -23.22 12.21 42.27
C PHE A 123 -24.46 13.02 42.71
N ARG A 124 -25.60 12.33 42.93
CA ARG A 124 -26.92 12.86 43.34
C ARG A 124 -27.32 14.15 42.61
N GLN A 125 -27.07 14.19 41.28
CA GLN A 125 -27.33 15.31 40.35
C GLN A 125 -26.70 16.63 40.82
N GLN A 130 -26.28 15.91 29.07
CA GLN A 130 -26.81 15.57 27.74
C GLN A 130 -25.82 14.66 26.98
N PRO A 131 -26.25 13.53 26.38
CA PRO A 131 -25.27 12.63 25.73
C PRO A 131 -24.70 13.09 24.38
N GLU A 132 -25.23 14.18 23.78
CA GLU A 132 -24.75 14.69 22.50
C GLU A 132 -23.41 15.43 22.61
N GLU A 133 -22.93 15.63 23.85
CA GLU A 133 -21.69 16.35 24.18
C GLU A 133 -20.55 15.37 24.50
N TYR A 134 -20.72 14.09 24.14
CA TYR A 134 -19.74 13.07 24.48
C TYR A 134 -19.29 12.19 23.33
N ALA A 135 -18.15 11.53 23.53
CA ALA A 135 -17.55 10.55 22.64
C ALA A 135 -16.98 9.44 23.49
N LEU A 136 -17.14 8.21 23.04
CA LEU A 136 -16.65 7.06 23.78
C LEU A 136 -15.27 6.65 23.28
N GLN A 137 -14.22 6.96 24.06
CA GLN A 137 -12.85 6.57 23.71
C GLN A 137 -12.68 5.10 24.06
N VAL A 138 -11.83 4.39 23.31
CA VAL A 138 -11.47 3.01 23.63
C VAL A 138 -10.27 3.16 24.56
N ASN A 139 -10.37 2.62 25.79
CA ASN A 139 -9.33 2.70 26.82
C ASN A 139 -7.94 2.39 26.29
N GLY A 140 -7.05 3.38 26.44
CA GLY A 140 -5.65 3.30 26.02
C GLY A 140 -5.41 3.08 24.54
N ARG A 141 -6.31 3.63 23.69
CA ARG A 141 -6.23 3.55 22.22
C ARG A 141 -6.74 4.83 21.59
N HIS A 142 -6.18 5.21 20.41
CA HIS A 142 -6.61 6.40 19.65
C HIS A 142 -7.73 6.03 18.69
N GLU A 143 -8.78 5.45 19.27
CA GLU A 143 -9.97 4.94 18.61
C GLU A 143 -11.15 5.46 19.41
N TYR A 144 -12.24 5.82 18.72
CA TYR A 144 -13.43 6.33 19.38
C TYR A 144 -14.67 5.68 18.82
N LEU A 145 -15.78 5.80 19.55
CA LEU A 145 -17.09 5.22 19.23
C LEU A 145 -18.12 6.32 19.30
N TYR A 146 -18.54 6.78 18.12
CA TYR A 146 -19.50 7.85 17.86
C TYR A 146 -20.18 7.60 16.48
N GLY A 147 -21.26 8.32 16.21
CA GLY A 147 -22.01 8.17 14.96
C GLY A 147 -23.34 7.44 15.10
N ASN A 148 -24.17 7.47 14.03
CA ASN A 148 -25.48 6.81 13.99
C ASN A 148 -25.34 5.34 13.63
N TYR A 149 -24.46 4.62 14.34
CA TYR A 149 -24.21 3.21 14.07
C TYR A 149 -24.45 2.35 15.31
N PRO A 150 -25.16 1.19 15.18
CA PRO A 150 -25.32 0.29 16.33
C PRO A 150 -23.95 -0.23 16.72
N LEU A 151 -23.75 -0.45 18.02
CA LEU A 151 -22.49 -0.89 18.61
C LEU A 151 -21.80 -2.05 17.88
N CYS A 152 -22.57 -3.08 17.43
CA CYS A 152 -22.02 -4.23 16.70
C CYS A 152 -21.41 -3.89 15.34
N HIS A 153 -21.43 -2.60 14.94
CA HIS A 153 -20.82 -2.13 13.70
C HIS A 153 -19.39 -1.69 13.94
N PHE A 154 -19.00 -1.45 15.22
CA PHE A 154 -17.66 -0.98 15.59
C PHE A 154 -16.72 -2.15 15.76
N GLN A 155 -15.60 -2.13 15.01
CA GLN A 155 -14.57 -3.17 14.95
C GLN A 155 -14.04 -3.62 16.31
N TYR A 156 -13.91 -2.69 17.28
CA TYR A 156 -13.47 -2.97 18.65
C TYR A 156 -14.52 -3.76 19.39
N ILE A 157 -15.81 -3.46 19.13
CA ILE A 157 -16.94 -4.16 19.74
C ILE A 157 -16.95 -5.60 19.25
N CYS A 158 -16.86 -5.81 17.92
CA CYS A 158 -16.83 -7.13 17.30
C CYS A 158 -15.64 -8.00 17.76
N SER A 159 -14.45 -7.39 17.94
CA SER A 159 -13.28 -8.09 18.44
C SER A 159 -13.51 -8.55 19.89
N CYS A 160 -14.25 -7.73 20.68
CA CYS A 160 -14.63 -8.03 22.05
C CYS A 160 -15.77 -9.07 22.08
N LEU A 161 -16.60 -9.13 21.02
CA LEU A 161 -17.72 -10.08 20.92
C LEU A 161 -17.24 -11.49 20.63
N HIS A 162 -16.30 -11.64 19.68
CA HIS A 162 -15.76 -12.95 19.30
C HIS A 162 -14.84 -13.52 20.37
N SER A 163 -13.95 -12.68 20.96
CA SER A 163 -13.02 -13.10 22.01
C SER A 163 -13.65 -13.21 23.41
N GLY A 164 -14.89 -12.72 23.54
CA GLY A 164 -15.64 -12.74 24.80
C GLY A 164 -15.12 -11.79 25.86
N LEU A 165 -14.25 -10.83 25.46
CA LEU A 165 -13.68 -9.82 26.34
C LEU A 165 -14.67 -8.64 26.49
N THR A 166 -14.52 -7.85 27.57
CA THR A 166 -15.43 -6.74 27.87
C THR A 166 -14.91 -5.39 27.32
N PRO A 167 -15.74 -4.64 26.54
CA PRO A 167 -15.28 -3.33 26.02
C PRO A 167 -15.13 -2.26 27.10
N HIS A 168 -13.91 -1.77 27.28
CA HIS A 168 -13.64 -0.73 28.27
C HIS A 168 -13.55 0.63 27.56
N LEU A 169 -14.55 1.50 27.81
CA LEU A 169 -14.67 2.81 27.16
C LEU A 169 -14.73 3.95 28.14
N THR A 170 -14.23 5.13 27.72
CA THR A 170 -14.20 6.34 28.54
C THR A 170 -15.02 7.44 27.89
N MET A 171 -15.84 8.13 28.71
CA MET A 171 -16.70 9.22 28.27
C MET A 171 -15.85 10.48 28.14
N VAL A 172 -15.57 10.88 26.89
CA VAL A 172 -14.77 12.07 26.60
C VAL A 172 -15.68 13.19 26.11
N HIS A 173 -15.77 14.25 26.92
CA HIS A 173 -16.58 15.45 26.70
C HIS A 173 -16.00 16.28 25.56
N SER A 174 -16.86 17.06 24.90
CA SER A 174 -16.54 17.96 23.77
C SER A 174 -15.32 18.88 24.02
N SER A 175 -15.25 19.50 25.20
CA SER A 175 -14.17 20.43 25.59
C SER A 175 -12.80 19.75 25.70
N SER A 176 -12.76 18.50 26.21
CA SER A 176 -11.53 17.69 26.34
C SER A 176 -10.99 17.30 24.94
N ILE A 177 -11.90 17.10 23.96
CA ILE A 177 -11.57 16.82 22.55
C ILE A 177 -11.08 18.14 21.92
N LEU A 178 -11.73 19.27 22.27
CA LEU A 178 -11.33 20.59 21.76
C LEU A 178 -10.00 21.06 22.37
N ALA A 179 -9.64 20.51 23.55
CA ALA A 179 -8.38 20.78 24.22
C ALA A 179 -7.27 20.16 23.35
N MET A 180 -7.47 18.89 22.89
CA MET A 180 -6.57 18.15 21.98
C MET A 180 -6.30 19.02 20.74
N ARG A 181 -7.37 19.42 20.03
CA ARG A 181 -7.36 20.26 18.83
C ARG A 181 -6.56 21.55 19.05
N ASP A 182 -6.79 22.26 20.17
CA ASP A 182 -6.10 23.51 20.48
C ASP A 182 -4.63 23.31 20.83
N GLU A 183 -4.29 22.17 21.48
CA GLU A 183 -2.90 21.87 21.84
C GLU A 183 -2.14 21.19 20.66
N GLN A 184 -2.79 21.14 19.48
CA GLN A 184 -2.26 20.56 18.24
C GLN A 184 -2.30 21.57 17.05
N SER A 185 -2.42 22.90 17.35
CA SER A 185 -2.45 24.00 16.37
C SER A 185 -1.05 24.42 15.92
N ASN A 186 -0.88 24.68 14.62
CA ASN A 186 0.39 25.06 13.98
C ASN A 186 0.80 26.49 14.38
N LEU A 211 3.32 25.35 -31.13
CA LEU A 211 2.01 25.37 -31.79
C LEU A 211 2.01 24.66 -33.16
N TRP A 212 0.83 24.64 -33.86
CA TRP A 212 0.57 23.98 -35.16
C TRP A 212 1.51 24.41 -36.33
N SER A 213 2.22 25.56 -36.19
CA SER A 213 3.14 26.14 -37.19
C SER A 213 4.45 25.36 -37.41
N LEU A 214 4.97 24.73 -36.36
CA LEU A 214 6.21 23.98 -36.40
C LEU A 214 6.00 22.61 -37.05
N GLU A 215 5.84 22.60 -38.38
CA GLU A 215 5.61 21.39 -39.19
C GLU A 215 6.88 20.57 -39.49
N GLN A 216 8.04 21.04 -39.01
CA GLN A 216 9.34 20.38 -39.20
C GLN A 216 9.45 19.07 -38.41
N PRO A 217 10.21 18.05 -38.87
CA PRO A 217 10.37 16.82 -38.05
C PRO A 217 11.16 17.11 -36.78
N PHE A 218 10.88 16.35 -35.70
CA PHE A 218 11.59 16.49 -34.43
C PHE A 218 12.99 15.89 -34.55
N SER A 219 14.00 16.66 -34.14
CA SER A 219 15.40 16.27 -34.20
C SER A 219 16.18 16.74 -32.98
N ILE A 220 17.28 16.04 -32.66
CA ILE A 220 18.22 16.35 -31.57
C ILE A 220 19.66 16.18 -32.07
N GLU A 221 20.64 16.70 -31.31
CA GLU A 221 22.04 16.53 -31.62
C GLU A 221 22.65 15.71 -30.49
N LEU A 222 23.12 14.49 -30.78
CA LEU A 222 23.76 13.63 -29.79
C LEU A 222 25.26 13.99 -29.79
N ILE A 223 25.71 14.78 -28.80
CA ILE A 223 27.12 15.21 -28.72
C ILE A 223 28.04 14.06 -28.21
N GLU A 224 28.43 14.07 -26.91
CA GLU A 224 29.39 13.10 -26.34
C GLU A 224 28.98 12.50 -24.97
N GLY A 225 29.75 11.51 -24.53
CA GLY A 225 29.57 10.79 -23.25
C GLY A 225 30.83 10.65 -22.41
N ARG A 226 30.67 10.15 -21.15
CA ARG A 226 31.74 9.95 -20.15
C ARG A 226 31.44 8.76 -19.21
N LYS A 227 31.51 7.54 -19.78
CA LYS A 227 31.15 6.25 -19.17
C LYS A 227 32.29 5.26 -18.91
N VAL A 228 31.94 3.95 -18.73
CA VAL A 228 32.81 2.78 -18.47
C VAL A 228 32.18 1.49 -19.05
N ASN A 229 32.94 0.75 -19.89
CA ASN A 229 32.63 -0.57 -20.52
C ASN A 229 33.76 -1.07 -21.45
N ALA A 230 33.88 -2.41 -21.61
CA ALA A 230 34.90 -3.06 -22.43
C ALA A 230 34.42 -3.33 -23.85
N MET A 234 34.92 -3.55 -28.84
CA MET A 234 33.49 -3.21 -28.77
C MET A 234 33.20 -1.73 -29.09
N LYS A 235 31.99 -1.45 -29.60
CA LYS A 235 31.54 -0.12 -30.01
C LYS A 235 30.27 0.33 -29.29
N LEU A 236 30.10 1.64 -29.13
CA LEU A 236 28.97 2.24 -28.44
C LEU A 236 27.95 2.87 -29.38
N VAL A 237 26.74 2.27 -29.36
CA VAL A 237 25.57 2.69 -30.13
C VAL A 237 24.63 3.32 -29.11
N VAL A 238 24.03 4.46 -29.43
CA VAL A 238 23.10 5.12 -28.53
C VAL A 238 21.72 5.12 -29.18
N GLN A 239 20.87 4.15 -28.82
CA GLN A 239 19.51 4.08 -29.35
C GLN A 239 18.64 5.12 -28.68
N ALA A 240 17.87 5.85 -29.46
CA ALA A 240 16.95 6.88 -28.97
C ALA A 240 15.51 6.42 -29.28
N GLY A 241 14.52 7.22 -28.90
CA GLY A 241 13.13 6.88 -29.10
C GLY A 241 12.19 7.88 -28.47
N LEU A 242 11.00 8.04 -29.06
CA LEU A 242 9.97 8.95 -28.58
C LEU A 242 8.77 8.18 -28.08
N PHE A 243 8.38 8.43 -26.81
CA PHE A 243 7.29 7.74 -26.17
C PHE A 243 6.20 8.64 -25.57
N HIS A 244 4.97 8.10 -25.58
CA HIS A 244 3.78 8.64 -24.94
C HIS A 244 3.22 7.46 -24.16
N GLY A 245 3.74 7.30 -22.95
CA GLY A 245 3.42 6.17 -22.09
C GLY A 245 4.15 4.93 -22.57
N ASN A 246 3.45 3.80 -22.57
CA ASN A 246 4.01 2.52 -23.01
C ASN A 246 4.23 2.45 -24.53
N GLU A 247 3.71 3.43 -25.29
CA GLU A 247 3.78 3.37 -26.75
C GLU A 247 4.68 4.41 -27.43
N MET A 248 5.27 3.98 -28.57
CA MET A 248 6.15 4.77 -29.43
C MET A 248 5.32 5.76 -30.21
N LEU A 249 5.85 6.97 -30.39
CA LEU A 249 5.21 8.03 -31.17
C LEU A 249 5.74 8.02 -32.62
N CYS A 250 6.88 7.36 -32.82
CA CYS A 250 7.60 7.15 -34.08
C CYS A 250 8.67 6.08 -33.86
N LYS A 251 9.12 5.43 -34.94
CA LYS A 251 10.13 4.35 -34.91
C LYS A 251 11.46 4.77 -34.29
N THR A 252 12.09 3.83 -33.55
CA THR A 252 13.37 4.02 -32.83
C THR A 252 14.50 4.32 -33.80
N VAL A 253 15.27 5.39 -33.52
CA VAL A 253 16.40 5.75 -34.37
C VAL A 253 17.69 5.70 -33.54
N SER A 254 18.63 4.87 -33.99
CA SER A 254 19.94 4.61 -33.37
C SER A 254 21.05 5.59 -33.83
N SER A 255 22.21 5.47 -33.17
CA SER A 255 23.41 6.24 -33.41
C SER A 255 24.46 5.40 -34.18
N SER A 256 25.54 6.06 -34.64
CA SER A 256 26.64 5.40 -35.34
C SER A 256 27.56 4.75 -34.31
N GLU A 257 27.96 3.49 -34.57
CA GLU A 257 28.84 2.70 -33.69
C GLU A 257 30.18 3.43 -33.45
N VAL A 258 30.30 4.20 -32.35
CA VAL A 258 31.52 4.92 -31.98
C VAL A 258 32.26 4.15 -30.88
N ASN A 259 33.56 3.87 -31.11
CA ASN A 259 34.53 3.13 -30.28
C ASN A 259 34.36 3.25 -28.75
N VAL A 260 34.64 2.15 -28.02
CA VAL A 260 34.54 2.01 -26.55
C VAL A 260 35.34 3.11 -25.78
N CYS A 261 36.39 3.68 -26.41
CA CYS A 261 37.27 4.72 -25.88
C CYS A 261 36.54 5.90 -25.25
N PRO A 264 33.68 8.96 -25.43
CA PRO A 264 32.98 8.74 -26.71
C PRO A 264 32.31 10.01 -27.22
N VAL A 265 32.53 10.36 -28.51
CA VAL A 265 31.97 11.56 -29.19
C VAL A 265 31.21 11.14 -30.45
N TRP A 266 30.02 11.74 -30.68
CA TRP A 266 29.17 11.48 -31.84
C TRP A 266 28.90 12.72 -32.71
N LYS A 267 28.45 13.83 -32.09
CA LYS A 267 28.06 15.12 -32.72
C LYS A 267 26.98 14.93 -33.82
N GLN A 268 26.45 13.69 -33.94
CA GLN A 268 25.44 13.22 -34.88
C GLN A 268 24.08 13.91 -34.71
N ARG A 269 23.33 14.01 -35.82
CA ARG A 269 21.98 14.59 -35.87
C ARG A 269 21.00 13.42 -35.81
N LEU A 270 20.08 13.43 -34.83
CA LEU A 270 19.07 12.38 -34.68
C LEU A 270 17.68 12.92 -34.97
N GLU A 271 17.14 12.59 -36.16
CA GLU A 271 15.81 13.00 -36.61
C GLU A 271 14.81 11.85 -36.41
N PHE A 272 13.56 12.22 -36.07
CA PHE A 272 12.47 11.28 -35.80
C PHE A 272 11.32 11.40 -36.79
N ASP A 273 10.60 10.28 -37.01
CA ASP A 273 9.44 10.16 -37.91
C ASP A 273 8.17 10.83 -37.31
N ILE A 274 8.33 12.07 -36.80
CA ILE A 274 7.24 12.85 -36.20
C ILE A 274 7.46 14.37 -36.39
N SER A 275 6.35 15.11 -36.52
CA SER A 275 6.33 16.56 -36.67
C SER A 275 6.46 17.20 -35.27
N VAL A 276 7.11 18.38 -35.18
CA VAL A 276 7.32 19.11 -33.92
C VAL A 276 5.96 19.55 -33.32
N CYS A 277 5.01 19.93 -34.20
CA CYS A 277 3.65 20.30 -33.77
C CYS A 277 2.81 19.04 -33.43
N ASP A 278 3.37 17.84 -33.68
CA ASP A 278 2.72 16.57 -33.40
C ASP A 278 3.33 15.80 -32.19
N LEU A 279 3.91 16.55 -31.24
CA LEU A 279 4.46 16.00 -30.01
C LEU A 279 3.42 16.24 -28.90
N PRO A 280 2.87 15.16 -28.27
CA PRO A 280 1.87 15.38 -27.22
C PRO A 280 2.53 15.96 -25.97
N ARG A 281 1.78 16.74 -25.19
CA ARG A 281 2.26 17.40 -23.99
C ARG A 281 3.17 16.52 -23.12
N MET A 282 2.79 15.25 -22.96
CA MET A 282 3.52 14.31 -22.12
C MET A 282 4.52 13.46 -22.92
N ALA A 283 5.11 14.05 -23.97
CA ALA A 283 6.08 13.35 -24.81
C ALA A 283 7.37 13.13 -24.03
N ARG A 284 7.85 11.89 -24.08
CA ARG A 284 9.04 11.41 -23.39
C ARG A 284 10.12 11.03 -24.42
N LEU A 285 11.35 11.58 -24.26
CA LEU A 285 12.46 11.23 -25.15
C LEU A 285 13.37 10.29 -24.38
N CYS A 286 13.40 9.03 -24.79
CA CYS A 286 14.15 7.96 -24.14
C CYS A 286 15.44 7.60 -24.86
N PHE A 287 16.50 7.38 -24.08
CA PHE A 287 17.85 7.04 -24.55
C PHE A 287 18.32 5.70 -23.98
N ALA A 288 19.21 5.02 -24.73
CA ALA A 288 19.80 3.76 -24.29
C ALA A 288 21.25 3.66 -24.80
N LEU A 289 22.20 3.53 -23.85
CA LEU A 289 23.64 3.38 -24.12
C LEU A 289 23.97 1.91 -23.99
N TYR A 290 24.55 1.33 -25.04
CA TYR A 290 24.90 -0.09 -25.09
C TYR A 290 26.13 -0.37 -25.93
N ALA A 291 26.86 -1.43 -25.55
CA ALA A 291 28.06 -1.91 -26.23
C ALA A 291 27.68 -3.07 -27.12
N VAL A 292 28.31 -3.17 -28.30
CA VAL A 292 28.09 -4.25 -29.29
C VAL A 292 29.35 -4.50 -30.14
N VAL A 293 29.46 -5.71 -30.74
CA VAL A 293 30.58 -6.09 -31.62
C VAL A 293 30.11 -6.08 -33.08
N ASP A 310 25.18 -8.36 -27.91
CA ASP A 310 24.52 -7.14 -27.43
C ASP A 310 24.59 -7.03 -25.90
N CYS A 311 25.01 -5.85 -25.36
CA CYS A 311 25.09 -5.60 -23.92
C CYS A 311 24.63 -4.18 -23.48
N PRO A 312 23.59 -4.04 -22.63
CA PRO A 312 23.19 -2.68 -22.19
C PRO A 312 24.08 -2.12 -21.10
N ILE A 313 24.19 -0.79 -21.06
CA ILE A 313 25.01 -0.08 -20.08
C ILE A 313 24.15 0.86 -19.21
N ALA A 314 23.54 1.90 -19.79
CA ALA A 314 22.75 2.88 -19.05
C ALA A 314 21.52 3.36 -19.81
N TRP A 315 20.58 4.00 -19.07
CA TRP A 315 19.36 4.57 -19.65
C TRP A 315 19.05 5.96 -19.07
N ALA A 316 18.32 6.78 -19.83
CA ALA A 316 17.89 8.13 -19.41
C ALA A 316 16.69 8.55 -20.23
N ASN A 317 15.79 9.32 -19.62
CA ASN A 317 14.56 9.80 -20.24
C ASN A 317 14.40 11.24 -19.88
N LEU A 318 13.68 12.01 -20.71
CA LEU A 318 13.43 13.42 -20.44
C LEU A 318 12.25 13.92 -21.24
N MET A 319 11.39 14.72 -20.58
CA MET A 319 10.22 15.32 -21.18
C MET A 319 10.67 16.42 -22.13
N LEU A 320 10.00 16.56 -23.28
CA LEU A 320 10.31 17.58 -24.28
C LEU A 320 9.70 18.94 -23.90
N PHE A 321 8.82 18.94 -22.89
CA PHE A 321 8.17 20.13 -22.33
C PHE A 321 8.54 20.24 -20.84
N ASP A 322 8.61 21.46 -20.30
CA ASP A 322 8.96 21.71 -18.90
C ASP A 322 7.73 21.80 -18.02
N TYR A 323 7.90 22.09 -16.73
CA TYR A 323 6.77 22.20 -15.81
C TYR A 323 5.92 23.46 -16.04
N LYS A 324 6.45 24.43 -16.84
CA LYS A 324 5.79 25.68 -17.20
C LYS A 324 5.14 25.56 -18.59
N ASP A 325 5.12 24.32 -19.15
CA ASP A 325 4.53 23.87 -20.43
C ASP A 325 5.35 24.29 -21.69
N GLN A 326 6.49 24.97 -21.50
CA GLN A 326 7.35 25.40 -22.59
C GLN A 326 8.16 24.21 -23.14
N LEU A 327 8.39 24.17 -24.46
CA LEU A 327 9.20 23.15 -25.10
C LEU A 327 10.65 23.45 -24.74
N LYS A 328 11.40 22.42 -24.30
CA LYS A 328 12.79 22.56 -23.86
C LYS A 328 13.80 22.78 -24.98
N THR A 329 14.76 23.73 -24.73
CA THR A 329 15.93 24.16 -25.54
C THR A 329 16.97 24.75 -24.54
N GLY A 330 18.28 24.53 -24.74
CA GLY A 330 18.92 23.77 -25.81
C GLY A 330 19.81 22.64 -25.30
N GLU A 331 21.00 22.99 -24.73
CA GLU A 331 21.92 21.95 -24.23
C GLU A 331 21.45 21.30 -22.91
N ARG A 332 21.54 19.95 -22.84
CA ARG A 332 21.14 19.17 -21.68
C ARG A 332 22.08 18.02 -21.40
N CYS A 333 22.57 17.95 -20.15
CA CYS A 333 23.44 16.86 -19.72
C CYS A 333 22.57 15.81 -19.03
N LEU A 334 22.69 14.55 -19.46
CA LEU A 334 21.85 13.49 -18.88
C LEU A 334 22.61 12.48 -18.04
N TYR A 335 22.53 12.63 -16.71
CA TYR A 335 23.16 11.70 -15.78
C TYR A 335 22.31 10.43 -15.81
N MET A 336 22.82 9.41 -16.48
CA MET A 336 22.13 8.17 -16.75
C MET A 336 22.13 7.20 -15.59
N TRP A 337 21.10 6.34 -15.56
CA TRP A 337 20.87 5.28 -14.56
C TRP A 337 21.40 3.93 -15.11
N PRO A 338 22.11 3.10 -14.31
CA PRO A 338 22.62 1.81 -14.83
C PRO A 338 21.51 0.89 -15.32
N SER A 339 21.81 0.14 -16.39
CA SER A 339 20.86 -0.78 -17.00
C SER A 339 20.96 -2.20 -16.44
N VAL A 340 20.04 -3.08 -16.88
CA VAL A 340 19.92 -4.50 -16.48
C VAL A 340 20.98 -5.37 -17.18
N LEU A 347 15.28 -3.35 -23.00
CA LEU A 347 15.99 -2.59 -24.03
C LEU A 347 15.95 -1.08 -23.70
N LEU A 348 15.04 -0.32 -24.32
CA LEU A 348 14.79 1.10 -24.08
C LEU A 348 13.71 1.15 -22.98
N ASN A 349 13.95 1.88 -21.87
CA ASN A 349 13.02 1.90 -20.72
C ASN A 349 12.14 3.16 -20.64
N PRO A 350 10.91 3.15 -21.24
CA PRO A 350 10.05 4.35 -21.19
C PRO A 350 9.40 4.65 -19.84
N ALA A 351 9.19 3.61 -19.01
CA ALA A 351 8.58 3.72 -17.68
C ALA A 351 9.44 4.46 -16.63
N GLY A 352 10.77 4.35 -16.77
CA GLY A 352 11.74 4.97 -15.88
C GLY A 352 11.60 6.46 -15.72
N THR A 353 12.13 6.98 -14.59
CA THR A 353 12.11 8.39 -14.19
C THR A 353 12.70 9.34 -15.25
N VAL A 354 12.13 10.55 -15.35
CA VAL A 354 12.59 11.62 -16.25
C VAL A 354 13.52 12.62 -15.54
N ARG A 355 14.06 12.22 -14.35
CA ARG A 355 15.03 12.98 -13.57
C ARG A 355 16.33 12.17 -13.62
N GLY A 356 17.44 12.86 -13.73
CA GLY A 356 18.74 12.24 -13.85
C GLY A 356 19.29 11.68 -12.57
N ASN A 357 20.30 10.79 -12.70
CA ASN A 357 21.01 10.13 -11.61
C ASN A 357 21.61 11.21 -10.71
N PRO A 358 21.37 11.17 -9.38
CA PRO A 358 21.92 12.23 -8.51
C PRO A 358 23.42 12.09 -8.23
N ASN A 359 24.01 10.91 -8.54
CA ASN A 359 25.42 10.60 -8.35
C ASN A 359 26.28 11.11 -9.52
N THR A 360 26.39 12.45 -9.67
CA THR A 360 27.16 13.11 -10.75
C THR A 360 28.67 12.68 -10.77
N GLU A 361 29.13 12.03 -9.69
CA GLU A 361 30.50 11.55 -9.56
C GLU A 361 30.74 10.25 -10.35
N SER A 362 29.92 9.22 -10.14
CA SER A 362 30.10 7.92 -10.79
C SER A 362 29.10 7.61 -11.91
N ALA A 363 28.11 8.49 -12.12
CA ALA A 363 27.13 8.29 -13.19
C ALA A 363 27.70 8.69 -14.56
N ALA A 364 27.27 7.96 -15.61
CA ALA A 364 27.63 8.25 -16.99
C ALA A 364 26.73 9.39 -17.45
N ALA A 365 27.25 10.28 -18.30
CA ALA A 365 26.47 11.42 -18.77
C ALA A 365 26.27 11.39 -20.29
N LEU A 366 25.21 12.06 -20.75
CA LEU A 366 24.91 12.16 -22.18
C LEU A 366 24.56 13.60 -22.52
N VAL A 367 25.47 14.30 -23.22
CA VAL A 367 25.15 15.66 -23.64
C VAL A 367 24.42 15.56 -24.97
N ILE A 368 23.28 16.24 -25.03
CA ILE A 368 22.42 16.30 -26.20
C ILE A 368 21.97 17.75 -26.40
N TYR A 369 21.58 18.10 -27.65
CA TYR A 369 21.11 19.44 -27.93
C TYR A 369 19.66 19.43 -28.39
N LEU A 370 18.86 20.36 -27.83
CA LEU A 370 17.45 20.57 -28.12
C LEU A 370 17.40 21.82 -29.02
N PRO A 371 17.38 21.62 -30.36
CA PRO A 371 17.45 22.78 -31.28
C PRO A 371 16.31 23.79 -31.16
N GLU A 372 16.67 25.09 -31.19
CA GLU A 372 15.74 26.22 -31.11
C GLU A 372 14.87 26.28 -32.37
N VAL A 373 13.60 26.67 -32.20
CA VAL A 373 12.64 26.75 -33.30
C VAL A 373 11.91 28.11 -33.32
N ALA A 374 12.59 29.16 -32.77
CA ALA A 374 12.10 30.54 -32.67
C ALA A 374 12.91 31.49 -33.54
N PRO A 377 9.99 31.45 -28.25
CA PRO A 377 9.44 30.64 -27.15
C PRO A 377 8.13 29.93 -27.51
N VAL A 378 8.14 28.58 -27.45
CA VAL A 378 7.02 27.70 -27.80
C VAL A 378 6.42 26.97 -26.58
N TYR A 379 5.18 27.34 -26.20
CA TYR A 379 4.41 26.74 -25.10
C TYR A 379 3.33 25.85 -25.67
N PHE A 380 3.03 24.71 -25.01
CA PHE A 380 1.95 23.82 -25.45
C PHE A 380 0.60 24.57 -25.37
N PRO A 381 -0.28 24.46 -26.40
CA PRO A 381 -1.53 25.24 -26.38
C PRO A 381 -2.43 24.99 -25.18
N ALA A 382 -2.98 26.09 -24.62
CA ALA A 382 -3.91 26.08 -23.48
C ALA A 382 -5.15 25.24 -23.80
N LEU A 383 -5.91 24.83 -22.77
CA LEU A 383 -7.10 24.01 -23.02
C LEU A 383 -8.11 24.70 -23.97
N GLU A 384 -8.23 26.06 -23.91
CA GLU A 384 -9.11 26.85 -24.79
C GLU A 384 -8.75 26.66 -26.29
N LYS A 385 -7.45 26.61 -26.61
CA LYS A 385 -6.95 26.41 -27.97
C LYS A 385 -7.04 24.94 -28.39
N ILE A 386 -6.99 24.02 -27.40
CA ILE A 386 -7.09 22.56 -27.61
C ILE A 386 -8.54 22.20 -27.95
N LEU A 387 -9.51 22.69 -27.15
CA LEU A 387 -10.96 22.45 -27.30
C LEU A 387 -11.48 23.03 -28.62
N GLU A 388 -10.87 24.15 -29.08
CA GLU A 388 -11.22 24.82 -30.34
C GLU A 388 -10.93 23.96 -31.56
N LEU A 389 -9.98 23.01 -31.45
CA LEU A 389 -9.61 22.08 -32.52
C LEU A 389 -10.08 20.66 -32.16
N LEU A 406 -21.33 -4.78 -35.01
CA LEU A 406 -20.00 -5.31 -34.72
C LEU A 406 -19.22 -4.45 -33.70
N ARG A 407 -19.81 -3.31 -33.29
CA ARG A 407 -19.24 -2.39 -32.32
C ARG A 407 -19.30 -2.92 -30.89
N GLU A 408 -20.46 -3.46 -30.47
CA GLU A 408 -20.68 -4.03 -29.14
C GLU A 408 -19.96 -5.37 -29.01
N ILE A 409 -19.88 -6.15 -30.11
CA ILE A 409 -19.28 -7.48 -30.16
C ILE A 409 -17.76 -7.49 -29.83
N LEU A 410 -17.05 -6.35 -30.05
CA LEU A 410 -15.62 -6.24 -29.74
C LEU A 410 -15.36 -5.72 -28.32
N GLU A 411 -16.33 -4.97 -27.76
CA GLU A 411 -16.24 -4.36 -26.43
C GLU A 411 -16.42 -5.38 -25.27
N ARG A 412 -15.67 -6.50 -25.31
CA ARG A 412 -15.63 -7.59 -24.31
C ARG A 412 -14.51 -8.60 -24.63
N GLU A 417 -5.85 -5.56 -26.86
CA GLU A 417 -5.46 -6.60 -27.81
C GLU A 417 -6.54 -6.74 -28.87
N LEU A 418 -6.45 -5.90 -29.93
CA LEU A 418 -7.40 -5.86 -31.04
C LEU A 418 -6.75 -5.39 -32.35
N TYR A 419 -7.25 -5.86 -33.50
CA TYR A 419 -6.70 -5.54 -34.84
C TYR A 419 -6.92 -4.09 -35.25
N GLU A 420 -6.12 -3.62 -36.23
CA GLU A 420 -6.12 -2.25 -36.75
C GLU A 420 -7.50 -1.77 -37.25
N HIS A 421 -8.27 -2.62 -37.96
CA HIS A 421 -9.61 -2.26 -38.45
C HIS A 421 -10.59 -2.02 -37.29
N GLU A 422 -10.40 -2.76 -36.18
CA GLU A 422 -11.19 -2.67 -34.94
C GLU A 422 -10.86 -1.37 -34.23
N LYS A 423 -9.58 -0.94 -34.27
CA LYS A 423 -9.11 0.31 -33.69
C LYS A 423 -9.71 1.51 -34.41
N ASP A 424 -9.69 1.50 -35.77
CA ASP A 424 -10.24 2.55 -36.67
C ASP A 424 -11.74 2.75 -36.43
N LEU A 425 -12.45 1.64 -36.16
CA LEU A 425 -13.89 1.59 -35.86
C LEU A 425 -14.19 2.43 -34.61
N VAL A 426 -13.53 2.11 -33.47
CA VAL A 426 -13.67 2.78 -32.16
C VAL A 426 -13.41 4.29 -32.28
N TRP A 427 -12.42 4.71 -33.08
CA TRP A 427 -12.13 6.13 -33.29
C TRP A 427 -13.21 6.84 -34.13
N LYS A 428 -13.79 6.14 -35.13
CA LYS A 428 -14.86 6.64 -35.98
C LYS A 428 -16.13 6.83 -35.12
N MET A 429 -16.40 5.84 -34.26
CA MET A 429 -17.54 5.75 -33.35
C MET A 429 -17.31 6.42 -31.97
N ARG A 430 -16.26 7.25 -31.83
CA ARG A 430 -15.86 7.92 -30.58
C ARG A 430 -17.00 8.66 -29.85
N HIS A 431 -17.93 9.29 -30.59
CA HIS A 431 -19.06 10.03 -30.02
C HIS A 431 -20.10 9.06 -29.44
N GLU A 432 -20.29 7.90 -30.10
CA GLU A 432 -21.22 6.82 -29.67
C GLU A 432 -20.67 6.06 -28.45
N VAL A 433 -19.34 6.14 -28.24
CA VAL A 433 -18.64 5.57 -27.09
C VAL A 433 -18.95 6.53 -25.94
N GLN A 434 -18.70 7.83 -26.10
CA GLN A 434 -18.97 8.84 -25.08
C GLN A 434 -20.41 8.75 -24.58
N GLU A 435 -21.37 8.73 -25.52
CA GLU A 435 -22.81 8.71 -25.29
C GLU A 435 -23.35 7.44 -24.63
N HIS A 436 -23.12 6.26 -25.25
CA HIS A 436 -23.70 5.02 -24.75
C HIS A 436 -22.74 4.04 -24.02
N PHE A 437 -21.42 4.19 -24.21
CA PHE A 437 -20.42 3.33 -23.56
C PHE A 437 -19.36 4.18 -22.79
N PRO A 438 -19.73 4.95 -21.74
CA PRO A 438 -18.72 5.80 -21.06
C PRO A 438 -17.54 5.04 -20.45
N GLU A 439 -17.81 3.85 -19.88
CA GLU A 439 -16.83 2.97 -19.25
C GLU A 439 -15.80 2.38 -20.24
N ALA A 440 -16.05 2.58 -21.55
CA ALA A 440 -15.16 2.11 -22.63
C ALA A 440 -14.06 3.14 -22.91
N LEU A 441 -14.10 4.31 -22.23
CA LEU A 441 -13.13 5.40 -22.37
C LEU A 441 -11.68 4.90 -22.50
N ALA A 442 -11.25 3.95 -21.64
CA ALA A 442 -9.91 3.36 -21.66
C ALA A 442 -9.58 2.78 -23.03
N ARG A 443 -10.52 2.00 -23.62
CA ARG A 443 -10.33 1.41 -24.96
C ARG A 443 -10.29 2.49 -26.04
N LEU A 444 -11.02 3.60 -25.85
CA LEU A 444 -11.01 4.71 -26.80
C LEU A 444 -9.70 5.51 -26.67
N LEU A 445 -9.19 5.71 -25.44
CA LEU A 445 -7.94 6.41 -25.17
C LEU A 445 -6.74 5.65 -25.72
N LEU A 446 -6.81 4.32 -25.76
CA LEU A 446 -5.74 3.44 -26.25
C LEU A 446 -5.71 3.32 -27.77
N VAL A 447 -6.81 3.70 -28.45
CA VAL A 447 -6.85 3.62 -29.92
C VAL A 447 -6.49 4.96 -30.59
N THR A 448 -6.66 6.11 -29.86
CA THR A 448 -6.38 7.45 -30.37
C THR A 448 -4.89 7.59 -30.72
N LYS A 449 -4.62 8.30 -31.82
CA LYS A 449 -3.29 8.53 -32.33
C LYS A 449 -2.72 9.75 -31.60
N TRP A 450 -1.77 9.52 -30.66
CA TRP A 450 -1.17 10.61 -29.87
C TRP A 450 -0.08 11.35 -30.67
N ASN A 451 0.35 10.74 -31.79
CA ASN A 451 1.33 11.29 -32.74
C ASN A 451 0.70 12.29 -33.74
N LYS A 452 -0.59 12.62 -33.57
CA LYS A 452 -1.32 13.59 -34.41
C LYS A 452 -2.08 14.50 -33.48
N HIS A 453 -1.71 15.80 -33.43
CA HIS A 453 -2.32 16.80 -32.54
C HIS A 453 -3.82 17.03 -32.79
N GLU A 454 -4.27 16.78 -34.05
CA GLU A 454 -5.66 16.90 -34.50
C GLU A 454 -6.53 15.85 -33.81
N ASP A 455 -6.02 14.60 -33.66
CA ASP A 455 -6.69 13.47 -33.00
C ASP A 455 -6.87 13.71 -31.50
N VAL A 456 -5.75 14.01 -30.80
CA VAL A 456 -5.64 14.28 -29.36
C VAL A 456 -6.70 15.28 -28.90
N ALA A 457 -6.78 16.44 -29.60
CA ALA A 457 -7.70 17.54 -29.33
C ALA A 457 -9.18 17.13 -29.41
N GLN A 458 -9.54 16.31 -30.43
CA GLN A 458 -10.89 15.79 -30.64
C GLN A 458 -11.28 14.90 -29.47
N MET A 459 -10.31 14.05 -29.02
CA MET A 459 -10.41 13.15 -27.87
C MET A 459 -10.59 13.97 -26.59
N LEU A 460 -9.73 14.99 -26.41
CA LEU A 460 -9.80 15.88 -25.26
C LEU A 460 -11.13 16.62 -25.19
N TYR A 461 -11.71 17.01 -26.36
CA TYR A 461 -13.03 17.66 -26.44
C TYR A 461 -14.11 16.73 -25.89
N LEU A 462 -13.99 15.41 -26.19
CA LEU A 462 -14.91 14.39 -25.70
C LEU A 462 -14.69 14.23 -24.20
N LEU A 463 -13.41 14.09 -23.77
CA LEU A 463 -13.03 13.93 -22.37
C LEU A 463 -13.51 15.06 -21.47
N CYS A 464 -13.45 16.31 -21.94
CA CYS A 464 -13.89 17.47 -21.15
C CYS A 464 -15.41 17.49 -20.90
N SER A 465 -16.16 16.72 -21.71
CA SER A 465 -17.61 16.56 -21.63
C SER A 465 -17.95 15.10 -21.28
N TRP A 466 -16.95 14.33 -20.82
CA TRP A 466 -17.13 12.92 -20.47
C TRP A 466 -17.71 12.79 -19.06
N PRO A 467 -18.75 11.95 -18.89
CA PRO A 467 -19.28 11.73 -17.54
C PRO A 467 -18.28 11.00 -16.64
N GLU A 468 -18.33 11.28 -15.33
CA GLU A 468 -17.51 10.63 -14.31
C GLU A 468 -17.57 9.11 -14.44
N LEU A 469 -16.41 8.46 -14.36
CA LEU A 469 -16.35 7.01 -14.45
C LEU A 469 -16.41 6.36 -13.03
N PRO A 470 -16.83 5.08 -12.86
CA PRO A 470 -16.81 4.51 -11.50
C PRO A 470 -15.38 4.41 -10.98
N VAL A 471 -15.22 4.28 -9.65
CA VAL A 471 -13.92 4.18 -8.98
C VAL A 471 -13.01 3.15 -9.68
N LEU A 472 -13.55 1.94 -9.96
CA LEU A 472 -12.85 0.84 -10.62
C LEU A 472 -12.31 1.23 -11.99
N SER A 473 -13.06 2.03 -12.73
CA SER A 473 -12.69 2.48 -14.06
C SER A 473 -11.61 3.54 -13.97
N ALA A 474 -11.67 4.40 -12.91
CA ALA A 474 -10.70 5.47 -12.66
C ALA A 474 -9.35 4.88 -12.25
N LEU A 475 -9.36 3.76 -11.49
CA LEU A 475 -8.17 3.03 -11.02
C LEU A 475 -7.37 2.46 -12.19
N GLU A 476 -8.05 2.07 -13.28
CA GLU A 476 -7.45 1.56 -14.51
C GLU A 476 -6.71 2.69 -15.24
N LEU A 477 -7.30 3.91 -15.23
CA LEU A 477 -6.78 5.11 -15.89
C LEU A 477 -5.51 5.67 -15.27
N LEU A 478 -5.16 5.24 -14.04
CA LEU A 478 -3.93 5.71 -13.37
C LEU A 478 -2.65 4.99 -13.84
N ASP A 479 -2.80 3.88 -14.59
CA ASP A 479 -1.68 3.10 -15.09
C ASP A 479 -0.84 3.93 -16.04
N PHE A 480 0.45 3.54 -16.22
CA PHE A 480 1.39 4.23 -17.11
C PHE A 480 0.87 4.28 -18.56
N SER A 481 -0.04 3.35 -18.91
CA SER A 481 -0.76 3.22 -20.18
C SER A 481 -1.53 4.50 -20.57
N PHE A 482 -1.89 5.33 -19.56
CA PHE A 482 -2.63 6.57 -19.77
C PHE A 482 -1.81 7.77 -19.27
N PRO A 483 -0.76 8.17 -20.02
CA PRO A 483 0.11 9.24 -19.54
C PRO A 483 -0.39 10.66 -19.70
N ASP A 484 -1.42 10.91 -20.52
CA ASP A 484 -1.89 12.28 -20.73
C ASP A 484 -2.32 12.96 -19.45
N CYS A 485 -1.87 14.20 -19.27
CA CYS A 485 -2.17 15.03 -18.11
C CYS A 485 -3.65 15.25 -17.94
N TYR A 486 -4.34 15.55 -19.06
CA TYR A 486 -5.79 15.78 -19.06
C TYR A 486 -6.54 14.54 -18.63
N VAL A 487 -6.06 13.35 -19.04
CA VAL A 487 -6.59 12.02 -18.67
C VAL A 487 -6.34 11.80 -17.17
N GLY A 488 -5.10 12.05 -16.74
CA GLY A 488 -4.66 11.91 -15.36
C GLY A 488 -5.49 12.72 -14.39
N SER A 489 -5.85 13.96 -14.79
CA SER A 489 -6.68 14.89 -14.04
C SER A 489 -8.12 14.37 -13.93
N PHE A 490 -8.65 13.83 -15.03
CA PHE A 490 -9.99 13.28 -15.13
C PHE A 490 -10.16 12.08 -14.20
N ALA A 491 -9.08 11.27 -14.04
CA ALA A 491 -9.05 10.10 -13.17
C ALA A 491 -9.15 10.50 -11.70
N ILE A 492 -8.45 11.58 -11.31
CA ILE A 492 -8.46 12.11 -9.94
C ILE A 492 -9.85 12.70 -9.65
N LYS A 493 -10.43 13.41 -10.66
CA LYS A 493 -11.76 14.03 -10.63
C LYS A 493 -12.82 12.96 -10.27
N SER A 494 -12.68 11.77 -10.88
CA SER A 494 -13.55 10.63 -10.62
C SER A 494 -13.20 9.95 -9.27
N LEU A 495 -11.90 9.91 -8.90
CA LEU A 495 -11.44 9.32 -7.64
C LEU A 495 -11.84 10.11 -6.38
N ARG A 496 -12.25 11.37 -6.50
CA ARG A 496 -12.65 12.17 -5.34
C ARG A 496 -13.83 11.58 -4.58
N LYS A 497 -14.62 10.67 -5.20
CA LYS A 497 -15.75 10.03 -4.53
C LYS A 497 -15.34 8.78 -3.74
N LEU A 498 -14.02 8.59 -3.54
CA LEU A 498 -13.47 7.49 -2.76
C LEU A 498 -13.72 7.75 -1.28
N THR A 499 -14.16 6.74 -0.56
CA THR A 499 -14.35 6.93 0.87
C THR A 499 -12.98 6.77 1.48
N ASP A 500 -12.76 7.40 2.65
CA ASP A 500 -11.49 7.33 3.37
C ASP A 500 -11.15 5.85 3.61
N ASP A 501 -12.18 4.98 3.69
CA ASP A 501 -12.03 3.54 3.86
C ASP A 501 -11.47 2.90 2.60
N GLU A 502 -12.01 3.28 1.43
CA GLU A 502 -11.59 2.79 0.11
C GLU A 502 -10.21 3.28 -0.25
N LEU A 503 -9.94 4.57 0.02
CA LEU A 503 -8.66 5.24 -0.24
C LEU A 503 -7.51 4.55 0.48
N PHE A 504 -7.75 4.12 1.73
CA PHE A 504 -6.78 3.40 2.55
C PHE A 504 -6.49 1.99 2.00
N GLN A 505 -7.45 1.38 1.30
CA GLN A 505 -7.27 0.06 0.68
C GLN A 505 -6.40 0.13 -0.59
N TYR A 506 -6.42 1.28 -1.32
CA TYR A 506 -5.67 1.48 -2.58
C TYR A 506 -4.49 2.48 -2.49
N LEU A 507 -4.19 3.02 -1.29
CA LEU A 507 -3.11 3.99 -1.05
C LEU A 507 -1.72 3.49 -1.48
N LEU A 508 -1.40 2.20 -1.25
CA LEU A 508 -0.11 1.63 -1.66
C LEU A 508 0.08 1.77 -3.16
N GLN A 509 -0.98 1.51 -3.94
CA GLN A 509 -1.04 1.66 -5.40
C GLN A 509 -1.03 3.12 -5.80
N LEU A 510 -1.76 4.00 -5.09
CA LEU A 510 -1.77 5.45 -5.40
C LEU A 510 -0.42 6.13 -5.10
N VAL A 511 0.38 5.53 -4.21
CA VAL A 511 1.72 6.02 -3.88
C VAL A 511 2.70 5.49 -4.93
N GLN A 512 2.64 4.19 -5.26
CA GLN A 512 3.50 3.61 -6.30
C GLN A 512 3.32 4.38 -7.60
N VAL A 513 2.07 4.68 -7.99
CA VAL A 513 1.69 5.46 -9.19
C VAL A 513 2.47 6.80 -9.25
N LEU A 514 2.82 7.41 -8.10
CA LEU A 514 3.61 8.65 -8.07
C LEU A 514 4.93 8.47 -8.80
N LYS A 515 5.46 7.25 -8.87
CA LYS A 515 6.71 6.94 -9.56
C LYS A 515 6.56 7.15 -11.07
N TYR A 516 5.35 6.86 -11.61
CA TYR A 516 5.05 7.03 -13.03
C TYR A 516 4.99 8.50 -13.46
N GLU A 517 4.74 9.42 -12.50
CA GLU A 517 4.66 10.87 -12.72
C GLU A 517 5.86 11.44 -13.48
N SER A 518 5.64 12.57 -14.15
CA SER A 518 6.63 13.23 -15.00
C SER A 518 7.16 14.51 -14.38
N TYR A 519 6.34 15.14 -13.52
CA TYR A 519 6.67 16.41 -12.87
C TYR A 519 6.28 16.35 -11.42
N LEU A 520 6.97 17.15 -10.62
CA LEU A 520 6.74 17.22 -9.17
C LEU A 520 5.35 17.72 -8.83
N ASP A 521 4.89 18.77 -9.52
CA ASP A 521 3.54 19.31 -9.28
C ASP A 521 2.49 18.51 -10.07
N CYS A 522 1.72 17.68 -9.36
CA CYS A 522 0.70 16.89 -10.01
C CYS A 522 -0.58 16.89 -9.23
N GLU A 523 -1.69 16.57 -9.91
CA GLU A 523 -2.99 16.51 -9.27
C GLU A 523 -3.06 15.35 -8.28
N LEU A 524 -2.31 14.24 -8.54
CA LEU A 524 -2.24 13.06 -7.66
C LEU A 524 -1.64 13.40 -6.29
N THR A 525 -0.48 14.12 -6.26
CA THR A 525 0.18 14.58 -5.04
C THR A 525 -0.76 15.50 -4.28
N LYS A 526 -1.32 16.51 -4.97
CA LYS A 526 -2.26 17.48 -4.39
C LYS A 526 -3.38 16.70 -3.70
N PHE A 527 -3.94 15.68 -4.38
CA PHE A 527 -4.99 14.80 -3.89
C PHE A 527 -4.52 14.02 -2.65
N LEU A 528 -3.40 13.23 -2.78
CA LEU A 528 -2.84 12.44 -1.68
C LEU A 528 -2.61 13.27 -0.45
N LEU A 529 -1.97 14.43 -0.61
CA LEU A 529 -1.68 15.41 0.45
C LEU A 529 -2.97 15.94 1.07
N GLY A 530 -3.93 16.30 0.23
CA GLY A 530 -5.20 16.85 0.68
C GLY A 530 -5.99 15.94 1.59
N ARG A 531 -6.06 14.66 1.18
CA ARG A 531 -6.74 13.56 1.88
C ARG A 531 -5.97 13.18 3.13
N ALA A 532 -4.63 13.32 3.09
CA ALA A 532 -3.73 13.01 4.19
C ALA A 532 -3.97 14.00 5.31
N LEU A 533 -4.13 15.28 4.94
CA LEU A 533 -4.34 16.38 5.88
C LEU A 533 -5.76 16.45 6.41
N ALA A 534 -6.69 15.76 5.74
CA ALA A 534 -8.10 15.68 6.14
C ALA A 534 -8.36 14.46 7.04
N ASN A 535 -7.46 13.46 7.00
CA ASN A 535 -7.56 12.21 7.76
C ASN A 535 -6.16 11.77 8.20
N ARG A 536 -5.94 11.77 9.53
CA ARG A 536 -4.66 11.45 10.16
C ARG A 536 -4.16 10.00 9.94
N LYS A 537 -5.09 9.03 9.75
CA LYS A 537 -4.74 7.63 9.48
C LYS A 537 -4.10 7.55 8.09
N ILE A 538 -4.65 8.31 7.09
CA ILE A 538 -4.12 8.38 5.72
C ILE A 538 -2.83 9.21 5.76
N GLY A 539 -2.86 10.28 6.56
CA GLY A 539 -1.69 11.11 6.79
C GLY A 539 -0.49 10.34 7.31
N HIS A 540 -0.74 9.42 8.29
CA HIS A 540 0.24 8.50 8.90
C HIS A 540 0.80 7.54 7.86
N PHE A 541 -0.08 6.76 7.19
CA PHE A 541 0.31 5.73 6.25
C PHE A 541 0.93 6.26 4.96
N LEU A 542 0.54 7.46 4.50
CA LEU A 542 1.16 8.06 3.32
C LEU A 542 2.62 8.31 3.69
N PHE A 543 2.86 8.99 4.84
CA PHE A 543 4.20 9.26 5.34
C PHE A 543 5.08 8.03 5.31
N TRP A 544 4.68 6.93 6.00
CA TRP A 544 5.46 5.70 6.08
C TRP A 544 5.69 5.06 4.73
N HIS A 545 4.72 5.18 3.79
CA HIS A 545 4.89 4.64 2.45
C HIS A 545 5.97 5.46 1.71
N LEU A 546 6.05 6.78 1.97
CA LEU A 546 7.06 7.64 1.35
C LEU A 546 8.42 7.42 2.00
N ARG A 547 8.51 7.55 3.35
CA ARG A 547 9.70 7.41 4.19
C ARG A 547 10.45 6.11 3.98
N SER A 548 9.71 5.03 3.76
CA SER A 548 10.30 3.72 3.55
C SER A 548 11.07 3.60 2.26
N GLU A 549 11.02 4.64 1.41
CA GLU A 549 11.67 4.66 0.09
C GLU A 549 12.72 5.77 -0.08
N MET A 550 12.98 6.55 0.99
CA MET A 550 13.94 7.66 0.96
C MET A 550 15.34 7.22 0.64
N HIS A 551 15.60 5.90 0.68
CA HIS A 551 16.91 5.31 0.39
C HIS A 551 17.06 4.98 -1.09
N VAL A 552 15.96 5.01 -1.87
CA VAL A 552 15.94 4.72 -3.31
C VAL A 552 16.20 6.05 -4.05
N PRO A 553 17.39 6.22 -4.67
CA PRO A 553 17.74 7.54 -5.25
C PRO A 553 16.73 8.16 -6.21
N SER A 554 16.12 7.34 -7.10
CA SER A 554 15.17 7.79 -8.11
C SER A 554 13.93 8.50 -7.54
N VAL A 555 13.45 8.08 -6.36
CA VAL A 555 12.26 8.67 -5.73
C VAL A 555 12.57 9.53 -4.48
N ALA A 556 13.85 9.56 -4.01
CA ALA A 556 14.24 10.34 -2.83
C ALA A 556 13.86 11.83 -2.88
N LEU A 557 14.05 12.53 -4.01
CA LEU A 557 13.65 13.94 -4.10
C LEU A 557 12.13 14.17 -4.03
N ARG A 558 11.36 13.47 -4.88
CA ARG A 558 9.89 13.60 -4.93
C ARG A 558 9.26 13.41 -3.58
N PHE A 559 9.51 12.21 -2.96
CA PHE A 559 9.00 11.72 -1.69
C PHE A 559 9.39 12.62 -0.56
N GLY A 560 10.69 12.93 -0.45
CA GLY A 560 11.24 13.88 0.52
C GLY A 560 10.49 15.19 0.50
N LEU A 561 10.21 15.69 -0.71
CA LEU A 561 9.47 16.91 -0.94
C LEU A 561 8.03 16.81 -0.47
N ILE A 562 7.34 15.70 -0.79
CA ILE A 562 5.95 15.44 -0.37
C ILE A 562 5.84 15.41 1.17
N MET A 563 6.73 14.64 1.82
CA MET A 563 6.77 14.54 3.29
C MET A 563 6.98 15.91 3.94
N GLU A 564 7.82 16.77 3.31
CA GLU A 564 8.09 18.11 3.81
C GLU A 564 6.79 18.91 3.74
N ALA A 565 6.10 18.85 2.57
CA ALA A 565 4.84 19.52 2.33
C ALA A 565 3.83 19.07 3.37
N TYR A 566 3.74 17.73 3.59
CA TYR A 566 2.86 17.14 4.58
C TYR A 566 3.14 17.72 5.97
N CYS A 567 4.43 17.75 6.39
CA CYS A 567 4.87 18.24 7.70
C CYS A 567 4.49 19.70 7.93
N ARG A 568 4.33 20.48 6.86
CA ARG A 568 3.91 21.89 6.95
C ARG A 568 2.44 21.96 7.37
N GLY A 569 1.66 20.99 6.91
CA GLY A 569 0.23 20.90 7.19
C GLY A 569 -0.14 20.24 8.50
N SER A 570 0.88 19.89 9.34
CA SER A 570 0.73 19.27 10.65
C SER A 570 2.05 19.24 11.38
N THR A 571 2.30 20.27 12.21
CA THR A 571 3.48 20.43 13.05
C THR A 571 3.44 19.33 14.12
N HIS A 572 2.26 19.16 14.76
CA HIS A 572 2.03 18.17 15.81
C HIS A 572 2.28 16.73 15.38
N HIS A 573 1.65 16.29 14.28
CA HIS A 573 1.81 14.92 13.77
C HIS A 573 3.23 14.62 13.42
N MET A 574 3.95 15.60 12.85
CA MET A 574 5.37 15.49 12.51
C MET A 574 6.16 15.12 13.80
N LYS A 575 5.80 15.75 14.95
CA LYS A 575 6.40 15.48 16.26
C LYS A 575 6.08 14.06 16.72
N VAL A 576 4.88 13.58 16.42
CA VAL A 576 4.39 12.23 16.75
C VAL A 576 5.11 11.20 15.87
N LEU A 577 5.36 11.53 14.59
CA LEU A 577 6.04 10.69 13.61
C LEU A 577 7.51 10.59 13.94
N MET A 578 8.05 11.64 14.60
CA MET A 578 9.44 11.72 15.05
C MET A 578 9.69 10.78 16.20
N LYS A 579 8.70 10.60 17.09
CA LYS A 579 8.82 9.67 18.20
C LYS A 579 8.92 8.23 17.66
N GLN A 580 8.17 7.94 16.58
CA GLN A 580 8.17 6.65 15.89
C GLN A 580 9.55 6.35 15.31
N GLY A 581 10.15 7.36 14.66
CA GLY A 581 11.49 7.29 14.08
C GLY A 581 12.55 7.12 15.12
N GLU A 582 12.34 7.71 16.31
CA GLU A 582 13.29 7.58 17.41
C GLU A 582 13.29 6.13 17.95
N ALA A 583 12.09 5.51 18.12
CA ALA A 583 11.96 4.10 18.54
C ALA A 583 12.66 3.18 17.56
N LEU A 584 12.39 3.34 16.25
CA LEU A 584 12.97 2.59 15.14
C LEU A 584 14.49 2.76 15.00
N SER A 585 15.00 3.95 15.40
CA SER A 585 16.43 4.25 15.35
C SER A 585 17.12 3.39 16.40
N LYS A 586 16.55 3.34 17.62
CA LYS A 586 17.04 2.52 18.74
C LYS A 586 16.95 1.05 18.40
N LEU A 587 15.81 0.62 17.84
CA LEU A 587 15.54 -0.76 17.46
C LEU A 587 16.60 -1.34 16.52
N LYS A 588 17.02 -0.58 15.48
CA LYS A 588 18.06 -1.00 14.52
C LYS A 588 19.41 -1.21 15.22
N ALA A 589 19.78 -0.30 16.14
CA ALA A 589 21.02 -0.37 16.92
C ALA A 589 21.00 -1.61 17.84
N LEU A 590 19.85 -1.87 18.49
CA LEU A 590 19.64 -3.03 19.36
C LEU A 590 19.73 -4.30 18.51
N ASN A 591 19.11 -4.29 17.31
CA ASN A 591 19.11 -5.46 16.41
C ASN A 591 20.51 -5.80 15.96
N ASP A 592 21.31 -4.75 15.64
CA ASP A 592 22.71 -4.87 15.25
C ASP A 592 23.52 -5.56 16.32
N PHE A 593 23.25 -5.24 17.60
CA PHE A 593 23.95 -5.91 18.70
C PHE A 593 23.53 -7.38 18.73
N VAL A 594 22.19 -7.63 18.71
CA VAL A 594 21.56 -8.96 18.71
C VAL A 594 22.17 -9.84 17.62
N LYS A 595 22.40 -9.28 16.43
CA LYS A 595 23.01 -9.97 15.29
C LYS A 595 24.44 -10.41 15.56
N VAL A 596 25.25 -9.53 16.18
CA VAL A 596 26.66 -9.81 16.51
C VAL A 596 26.76 -10.80 17.70
N SER A 597 26.02 -10.54 18.79
CA SER A 597 26.03 -11.40 19.96
C SER A 597 25.62 -12.84 19.65
N SER A 598 24.70 -13.06 18.69
CA SER A 598 24.26 -14.41 18.30
C SER A 598 25.36 -15.23 17.61
N GLN A 599 26.32 -14.53 16.99
CA GLN A 599 27.47 -15.10 16.30
C GLN A 599 28.65 -15.32 17.27
N LYS A 600 28.50 -14.92 18.55
CA LYS A 600 29.55 -15.00 19.55
C LYS A 600 29.18 -15.72 20.84
N THR A 601 27.90 -15.73 21.23
CA THR A 601 27.50 -16.34 22.50
C THR A 601 26.18 -17.16 22.40
N THR A 602 25.70 -17.69 23.56
CA THR A 602 24.45 -18.47 23.66
C THR A 602 23.25 -17.51 23.63
N LYS A 603 22.03 -18.01 23.33
CA LYS A 603 20.85 -17.15 23.28
C LYS A 603 20.50 -16.53 24.64
N PRO A 604 20.44 -17.28 25.79
CA PRO A 604 20.10 -16.60 27.06
C PRO A 604 21.05 -15.47 27.39
N GLN A 605 22.29 -15.55 26.89
CA GLN A 605 23.30 -14.54 27.10
C GLN A 605 23.00 -13.28 26.28
N THR A 606 22.57 -13.45 25.01
CA THR A 606 22.22 -12.33 24.14
C THR A 606 20.94 -11.64 24.65
N LYS A 607 19.94 -12.45 25.03
CA LYS A 607 18.66 -12.01 25.55
C LYS A 607 18.84 -11.13 26.77
N GLU A 608 19.74 -11.49 27.70
CA GLU A 608 19.95 -10.69 28.90
C GLU A 608 20.64 -9.36 28.63
N MET A 609 21.43 -9.31 27.57
CA MET A 609 22.13 -8.08 27.23
C MET A 609 21.32 -7.18 26.33
N MET A 610 20.27 -7.75 25.70
CA MET A 610 19.30 -7.03 24.91
C MET A 610 18.56 -6.21 25.95
N HIS A 611 18.15 -6.89 27.04
CA HIS A 611 17.46 -6.34 28.19
C HIS A 611 18.27 -5.24 28.84
N MET A 612 19.57 -5.48 29.12
CA MET A 612 20.48 -4.50 29.73
C MET A 612 20.56 -3.23 28.91
N CYS A 613 20.66 -3.39 27.58
CA CYS A 613 20.76 -2.32 26.61
C CYS A 613 19.42 -1.57 26.53
N MET A 614 18.28 -2.30 26.63
CA MET A 614 16.94 -1.75 26.61
C MET A 614 16.66 -0.92 27.85
N ARG A 615 17.14 -1.40 29.02
CA ARG A 615 16.94 -0.78 30.34
C ARG A 615 17.70 0.53 30.55
N GLN A 616 18.47 0.96 29.54
CA GLN A 616 19.19 2.23 29.57
C GLN A 616 18.15 3.35 29.49
N GLU A 617 18.46 4.53 30.04
CA GLU A 617 17.55 5.67 30.02
C GLU A 617 17.09 6.01 28.60
N THR A 618 18.03 6.14 27.64
CA THR A 618 17.73 6.53 26.25
C THR A 618 16.84 5.54 25.52
N TYR A 619 17.03 4.24 25.79
CA TYR A 619 16.27 3.17 25.17
C TYR A 619 14.90 3.08 25.80
N MET A 620 14.83 3.20 27.15
CA MET A 620 13.56 3.14 27.90
C MET A 620 12.58 4.23 27.48
N GLU A 621 13.09 5.46 27.31
CA GLU A 621 12.32 6.62 26.91
C GLU A 621 11.97 6.56 25.44
N ALA A 622 12.94 6.23 24.57
CA ALA A 622 12.73 6.19 23.12
C ALA A 622 11.75 5.12 22.66
N LEU A 623 11.81 3.92 23.23
CA LEU A 623 10.91 2.83 22.86
C LEU A 623 9.54 2.90 23.56
N SER A 624 9.31 3.91 24.43
CA SER A 624 8.05 3.96 25.16
C SER A 624 7.18 5.14 24.82
N HIS A 625 5.85 4.91 24.86
CA HIS A 625 4.78 5.88 24.64
C HIS A 625 4.88 6.48 23.26
N LEU A 626 4.45 5.69 22.28
CA LEU A 626 4.44 6.05 20.87
C LEU A 626 3.28 5.34 20.23
N GLN A 627 2.69 5.96 19.19
CA GLN A 627 1.60 5.36 18.40
C GLN A 627 2.28 4.33 17.49
N SER A 628 1.78 3.09 17.45
CA SER A 628 2.38 2.05 16.63
C SER A 628 2.48 2.47 15.16
N PRO A 629 3.68 2.40 14.52
CA PRO A 629 3.75 2.71 13.07
C PRO A 629 2.84 1.78 12.26
N LEU A 630 2.46 0.61 12.80
CA LEU A 630 1.60 -0.38 12.14
C LEU A 630 0.12 0.00 12.21
N ASP A 631 -0.26 0.79 13.24
CA ASP A 631 -1.63 1.23 13.47
C ASP A 631 -1.54 2.44 14.40
N PRO A 632 -1.79 3.68 13.91
CA PRO A 632 -1.69 4.88 14.77
C PRO A 632 -2.68 4.95 15.95
N SER A 633 -3.70 4.06 15.96
CA SER A 633 -4.69 3.99 17.02
C SER A 633 -4.18 3.05 18.13
N THR A 634 -3.20 2.19 17.81
CA THR A 634 -2.60 1.30 18.80
C THR A 634 -1.50 2.09 19.48
N LEU A 635 -1.61 2.26 20.80
CA LEU A 635 -0.64 2.99 21.61
C LEU A 635 0.36 2.04 22.28
N LEU A 636 1.64 2.11 21.85
CA LEU A 636 2.68 1.29 22.42
C LEU A 636 3.23 2.10 23.59
N GLU A 637 2.63 1.90 24.79
CA GLU A 637 2.98 2.62 26.01
C GLU A 637 4.29 2.13 26.65
N GLU A 638 4.25 1.39 27.79
CA GLU A 638 5.46 0.90 28.48
C GLU A 638 6.02 -0.31 27.78
N VAL A 639 7.33 -0.32 27.55
CA VAL A 639 7.97 -1.46 26.88
C VAL A 639 8.25 -2.56 27.91
N CYS A 640 7.64 -3.74 27.70
CA CYS A 640 7.78 -4.86 28.64
C CYS A 640 9.06 -5.66 28.36
N VAL A 641 10.18 -5.10 28.84
CA VAL A 641 11.57 -5.58 28.64
C VAL A 641 11.78 -7.07 28.99
N GLU A 642 11.27 -7.58 30.14
CA GLU A 642 11.43 -9.00 30.49
C GLU A 642 10.76 -9.94 29.49
N GLN A 643 9.73 -9.44 28.79
CA GLN A 643 8.95 -10.21 27.83
C GLN A 643 9.40 -10.02 26.38
N CYS A 644 10.57 -9.33 26.19
CA CYS A 644 11.17 -9.06 24.89
C CYS A 644 12.26 -10.05 24.58
N THR A 645 12.22 -10.65 23.41
CA THR A 645 13.25 -11.56 22.94
C THR A 645 13.52 -11.22 21.47
N PHE A 646 14.18 -12.14 20.78
CA PHE A 646 14.51 -12.09 19.37
C PHE A 646 14.33 -13.52 18.83
N MET A 647 14.17 -13.65 17.51
CA MET A 647 13.95 -14.94 16.85
C MET A 647 15.20 -15.54 16.29
N ASP A 648 15.24 -16.87 16.17
CA ASP A 648 16.43 -17.58 15.70
C ASP A 648 16.67 -17.53 14.15
N SER A 649 15.68 -17.03 13.36
CA SER A 649 15.83 -16.90 11.90
C SER A 649 16.97 -15.94 11.52
N LYS A 650 17.72 -16.28 10.44
CA LYS A 650 18.90 -15.60 9.85
C LYS A 650 19.13 -14.12 10.26
N MET A 651 18.10 -13.26 10.05
CA MET A 651 18.18 -11.82 10.29
C MET A 651 17.83 -11.36 11.73
N LYS A 652 17.84 -12.33 12.66
CA LYS A 652 17.57 -12.25 14.10
C LYS A 652 16.47 -11.19 14.47
N PRO A 653 15.20 -11.36 13.98
CA PRO A 653 14.15 -10.37 14.26
C PRO A 653 13.88 -10.18 15.73
N LEU A 654 13.50 -8.95 16.15
CA LEU A 654 13.20 -8.62 17.53
C LEU A 654 11.73 -8.80 17.85
N TRP A 655 11.46 -9.28 19.07
CA TRP A 655 10.15 -9.51 19.63
C TRP A 655 9.98 -8.42 20.68
N ILE A 656 9.21 -7.39 20.36
CA ILE A 656 9.04 -6.29 21.29
C ILE A 656 7.62 -6.25 21.81
N MET A 657 7.48 -6.59 23.09
CA MET A 657 6.20 -6.62 23.78
C MET A 657 5.97 -5.35 24.59
N TYR A 658 4.73 -4.87 24.56
CA TYR A 658 4.27 -3.68 25.24
C TYR A 658 3.13 -3.99 26.21
N SER A 659 2.81 -3.00 27.06
CA SER A 659 1.73 -3.03 28.03
C SER A 659 1.25 -1.61 28.32
N SER A 660 -0.03 -1.49 28.63
CA SER A 660 -0.68 -0.23 29.00
C SER A 660 -1.62 -0.49 30.16
N GLU A 661 -1.52 0.37 31.21
CA GLU A 661 -2.35 0.30 32.43
C GLU A 661 -3.81 0.57 32.07
N GLU A 662 -4.06 1.71 31.38
CA GLU A 662 -5.36 2.18 30.93
C GLU A 662 -6.09 1.16 30.07
N ALA A 663 -5.42 0.67 29.01
CA ALA A 663 -5.99 -0.31 28.08
C ALA A 663 -6.15 -1.71 28.70
N GLY A 664 -5.26 -2.04 29.64
CA GLY A 664 -5.28 -3.34 30.32
C GLY A 664 -4.83 -4.46 29.42
N SER A 665 -5.79 -5.25 28.88
CA SER A 665 -5.51 -6.38 28.00
C SER A 665 -5.44 -5.99 26.51
N ALA A 666 -6.08 -4.87 26.11
CA ALA A 666 -6.01 -4.35 24.73
C ALA A 666 -4.70 -3.58 24.55
N GLY A 667 -4.05 -3.29 25.67
CA GLY A 667 -2.76 -2.62 25.76
C GLY A 667 -1.62 -3.61 25.68
N ASN A 668 -1.90 -4.91 25.93
CA ASN A 668 -0.89 -5.97 25.82
C ASN A 668 -0.75 -6.25 24.35
N VAL A 669 0.16 -5.53 23.70
CA VAL A 669 0.41 -5.59 22.25
C VAL A 669 1.88 -5.83 21.93
N GLY A 670 2.14 -6.42 20.78
CA GLY A 670 3.51 -6.69 20.35
C GLY A 670 3.80 -6.29 18.91
N ILE A 671 5.11 -6.05 18.63
CA ILE A 671 5.60 -5.68 17.31
C ILE A 671 6.89 -6.45 17.00
N ILE A 672 7.07 -6.86 15.75
CA ILE A 672 8.26 -7.59 15.33
C ILE A 672 9.06 -6.68 14.38
N PHE A 673 10.26 -6.24 14.80
CA PHE A 673 11.17 -5.44 13.99
C PHE A 673 12.07 -6.44 13.23
N LYS A 674 12.06 -6.34 11.90
CA LYS A 674 12.88 -7.18 11.02
C LYS A 674 13.75 -6.25 10.18
N ASN A 675 15.04 -6.55 10.06
CA ASN A 675 15.96 -5.69 9.30
C ASN A 675 16.94 -6.54 8.48
N GLY A 676 16.86 -6.45 7.15
CA GLY A 676 17.70 -7.23 6.24
C GLY A 676 16.98 -7.75 5.02
N ASP A 677 15.66 -7.92 5.14
CA ASP A 677 14.75 -8.40 4.09
C ASP A 677 13.88 -7.26 3.60
N ASP A 678 13.35 -7.36 2.37
CA ASP A 678 12.43 -6.34 1.84
C ASP A 678 11.02 -6.79 2.17
N LEU A 679 10.28 -5.99 2.97
CA LEU A 679 8.93 -6.34 3.42
C LEU A 679 7.81 -5.84 2.50
N ARG A 680 8.15 -5.30 1.31
CA ARG A 680 7.19 -4.75 0.34
C ARG A 680 6.17 -5.78 -0.20
N GLN A 681 6.63 -6.93 -0.72
CA GLN A 681 5.78 -8.00 -1.26
C GLN A 681 4.95 -8.59 -0.14
N ASP A 682 5.60 -8.88 1.01
CA ASP A 682 4.95 -9.39 2.21
C ASP A 682 3.77 -8.49 2.56
N MET A 683 3.98 -7.14 2.55
CA MET A 683 2.93 -6.17 2.83
C MET A 683 1.81 -6.22 1.77
N LEU A 684 2.18 -6.17 0.48
CA LEU A 684 1.24 -6.22 -0.63
C LEU A 684 0.35 -7.47 -0.58
N THR A 685 0.97 -8.64 -0.29
CA THR A 685 0.26 -9.93 -0.17
C THR A 685 -0.76 -9.87 0.96
N LEU A 686 -0.36 -9.40 2.13
CA LEU A 686 -1.27 -9.26 3.27
C LEU A 686 -2.41 -8.30 3.00
N GLN A 687 -2.12 -7.21 2.25
CA GLN A 687 -3.10 -6.19 1.83
C GLN A 687 -4.12 -6.81 0.87
N MET A 688 -3.63 -7.64 -0.07
CA MET A 688 -4.45 -8.38 -1.03
C MET A 688 -5.32 -9.41 -0.32
N ILE A 689 -4.81 -9.99 0.78
CA ILE A 689 -5.56 -10.94 1.61
C ILE A 689 -6.64 -10.15 2.36
N GLN A 690 -6.24 -9.03 3.02
CA GLN A 690 -7.12 -8.11 3.77
C GLN A 690 -8.31 -7.65 2.91
N LEU A 691 -8.07 -7.36 1.60
CA LEU A 691 -9.09 -6.95 0.66
C LEU A 691 -10.06 -8.09 0.43
N MET A 692 -9.54 -9.30 0.10
CA MET A 692 -10.32 -10.53 -0.08
C MET A 692 -11.25 -10.71 1.14
N ASP A 693 -10.73 -10.60 2.36
CA ASP A 693 -11.53 -10.67 3.58
C ASP A 693 -12.65 -9.60 3.55
N VAL A 694 -12.35 -8.36 3.10
CA VAL A 694 -13.32 -7.25 3.02
C VAL A 694 -14.42 -7.54 1.98
N LEU A 695 -14.02 -8.05 0.81
CA LEU A 695 -14.95 -8.41 -0.26
C LEU A 695 -15.87 -9.55 0.20
N TRP A 696 -15.35 -10.44 1.07
CA TRP A 696 -16.11 -11.56 1.60
C TRP A 696 -17.06 -11.12 2.70
N LYS A 697 -16.58 -10.23 3.59
CA LYS A 697 -17.32 -9.67 4.72
C LYS A 697 -18.48 -8.81 4.23
N GLN A 698 -18.33 -8.16 3.07
CA GLN A 698 -19.40 -7.37 2.47
C GLN A 698 -20.56 -8.33 2.08
N GLU A 699 -20.25 -9.49 1.47
CA GLU A 699 -21.25 -10.50 1.08
C GLU A 699 -21.66 -11.45 2.26
N GLY A 700 -21.64 -10.94 3.49
CA GLY A 700 -22.01 -11.65 4.73
C GLY A 700 -21.20 -12.87 5.14
N LEU A 701 -20.00 -13.06 4.55
CA LEU A 701 -19.11 -14.19 4.81
C LEU A 701 -17.80 -13.80 5.55
N ASP A 702 -17.67 -14.19 6.83
CA ASP A 702 -16.47 -13.96 7.64
C ASP A 702 -15.68 -15.26 7.74
N LEU A 703 -14.64 -15.41 6.88
CA LEU A 703 -13.78 -16.59 6.85
C LEU A 703 -12.64 -16.51 7.86
N ARG A 704 -12.86 -15.79 8.97
CA ARG A 704 -12.00 -15.63 10.13
C ARG A 704 -10.48 -15.41 9.85
N MET A 705 -10.20 -14.56 8.85
CA MET A 705 -8.83 -14.25 8.40
C MET A 705 -8.05 -13.41 9.40
N THR A 706 -6.74 -13.66 9.52
CA THR A 706 -5.86 -12.93 10.45
C THR A 706 -4.95 -11.99 9.63
N PRO A 707 -5.45 -10.81 9.18
CA PRO A 707 -4.64 -9.94 8.33
C PRO A 707 -3.84 -9.01 9.21
N TYR A 708 -2.76 -9.57 9.77
CA TYR A 708 -1.84 -8.89 10.66
C TYR A 708 -1.07 -7.83 9.89
N GLY A 709 -0.77 -6.74 10.57
CA GLY A 709 -0.02 -5.64 10.02
C GLY A 709 1.39 -6.03 9.65
N CYS A 710 1.93 -5.38 8.63
CA CYS A 710 3.27 -5.54 8.09
C CYS A 710 3.57 -4.29 7.32
N LEU A 711 4.54 -3.51 7.79
CA LEU A 711 4.87 -2.24 7.20
C LEU A 711 6.36 -1.95 7.03
N PRO A 712 6.83 -1.82 5.77
CA PRO A 712 8.21 -1.39 5.54
C PRO A 712 8.31 0.08 5.96
N THR A 713 9.32 0.42 6.78
CA THR A 713 9.56 1.73 7.38
C THR A 713 10.84 2.40 6.86
N GLY A 714 11.77 1.60 6.34
CA GLY A 714 13.03 2.08 5.80
C GLY A 714 13.73 1.06 4.94
N ASP A 715 15.04 1.28 4.66
CA ASP A 715 15.89 0.39 3.85
C ASP A 715 15.93 -1.03 4.45
N ARG A 716 15.27 -1.98 3.77
CA ARG A 716 15.18 -3.38 4.18
C ARG A 716 14.75 -3.50 5.65
N THR A 717 14.04 -2.47 6.15
CA THR A 717 13.57 -2.33 7.52
C THR A 717 12.06 -2.15 7.57
N GLY A 718 11.43 -2.92 8.43
CA GLY A 718 9.99 -2.86 8.64
C GLY A 718 9.56 -3.52 9.93
N LEU A 719 8.26 -3.39 10.25
CA LEU A 719 7.60 -3.92 11.45
C LEU A 719 6.54 -4.92 11.06
N ILE A 720 6.24 -5.86 11.98
CA ILE A 720 5.23 -6.90 11.78
C ILE A 720 4.35 -6.92 13.01
N GLU A 721 3.04 -7.08 12.85
CA GLU A 721 2.15 -7.08 13.99
C GLU A 721 2.17 -8.45 14.63
N VAL A 722 2.42 -8.49 15.95
CA VAL A 722 2.40 -9.75 16.69
C VAL A 722 0.95 -10.26 16.75
N VAL A 723 0.76 -11.52 16.34
CA VAL A 723 -0.52 -12.18 16.51
C VAL A 723 -0.29 -12.93 17.81
N LEU A 724 -0.81 -12.36 18.90
CA LEU A 724 -0.69 -12.91 20.24
C LEU A 724 -1.41 -14.25 20.31
N HIS A 725 -0.95 -15.17 21.17
CA HIS A 725 -1.55 -16.47 21.45
C HIS A 725 -1.65 -17.36 20.23
N SER A 726 -0.58 -17.41 19.45
CA SER A 726 -0.51 -18.20 18.23
C SER A 726 0.86 -18.84 18.11
N ASP A 727 0.92 -20.00 17.48
CA ASP A 727 2.18 -20.72 17.25
C ASP A 727 2.14 -21.37 15.88
N THR A 728 3.34 -21.67 15.35
CA THR A 728 3.52 -22.30 14.04
C THR A 728 3.09 -23.77 14.10
N ILE A 729 2.55 -24.32 12.98
CA ILE A 729 2.14 -25.74 12.88
C ILE A 729 3.31 -26.63 13.31
N ALA A 730 4.55 -26.29 12.85
CA ALA A 730 5.81 -26.98 13.13
C ALA A 730 6.02 -27.16 14.61
N ASN A 731 5.96 -26.06 15.39
CA ASN A 731 6.15 -26.06 16.84
C ASN A 731 5.10 -26.89 17.56
N ILE A 732 3.86 -26.85 17.09
CA ILE A 732 2.74 -27.63 17.62
C ILE A 732 2.97 -29.14 17.25
N GLN A 733 3.61 -29.37 16.09
CA GLN A 733 3.90 -30.72 15.61
C GLN A 733 5.16 -31.32 16.22
N LEU A 734 6.01 -30.51 16.89
CA LEU A 734 7.22 -31.02 17.56
C LEU A 734 6.85 -32.06 18.59
N ASN A 735 5.66 -31.91 19.22
CA ASN A 735 5.05 -32.80 20.21
C ASN A 735 5.94 -33.00 21.45
N LYS A 736 6.08 -31.94 22.27
CA LYS A 736 6.90 -31.98 23.50
C LYS A 736 6.25 -32.83 24.60
N SER A 737 7.11 -33.49 25.42
CA SER A 737 6.67 -34.33 26.54
C SER A 737 6.27 -33.49 27.76
N ASN A 738 5.50 -34.09 28.70
CA ASN A 738 4.99 -33.45 29.94
C ASN A 738 4.08 -32.23 29.61
N MET A 739 3.32 -32.35 28.50
CA MET A 739 2.39 -31.32 28.03
C MET A 739 0.97 -31.94 27.99
N ALA A 740 -0.03 -31.13 27.61
CA ALA A 740 -1.42 -31.58 27.48
C ALA A 740 -1.69 -32.00 26.02
N ALA A 741 -0.74 -31.66 25.12
CA ALA A 741 -0.81 -31.97 23.68
C ALA A 741 -0.11 -33.30 23.29
N THR A 742 0.08 -34.22 24.29
CA THR A 742 0.70 -35.55 24.12
C THR A 742 -0.09 -36.38 23.08
N ALA A 743 0.52 -36.55 21.87
CA ALA A 743 -0.07 -37.25 20.74
C ALA A 743 0.57 -38.60 20.47
N ALA A 744 -0.25 -39.58 20.09
CA ALA A 744 0.15 -40.94 19.75
C ALA A 744 0.57 -40.98 18.30
N PHE A 745 -0.09 -40.17 17.46
CA PHE A 745 0.15 -40.00 16.02
C PHE A 745 0.29 -38.50 15.70
N ASN A 746 1.22 -38.14 14.79
CA ASN A 746 1.49 -36.75 14.39
C ASN A 746 0.25 -36.00 13.91
N LYS A 747 -0.70 -36.70 13.26
CA LYS A 747 -1.96 -36.13 12.79
C LYS A 747 -2.80 -35.51 13.95
N ASP A 748 -2.76 -36.16 15.13
CA ASP A 748 -3.48 -35.73 16.33
C ASP A 748 -2.95 -34.46 16.96
N ALA A 749 -1.63 -34.18 16.82
CA ALA A 749 -0.94 -33.04 17.45
C ALA A 749 -1.68 -31.71 17.32
N LEU A 750 -2.20 -31.39 16.11
CA LEU A 750 -2.93 -30.16 15.84
C LEU A 750 -4.24 -30.07 16.63
N LEU A 751 -5.05 -31.16 16.57
CA LEU A 751 -6.34 -31.25 17.26
C LEU A 751 -6.19 -31.39 18.78
N ASN A 752 -5.13 -32.05 19.25
CA ASN A 752 -4.87 -32.20 20.69
C ASN A 752 -4.56 -30.83 21.29
N TRP A 753 -3.76 -30.04 20.53
CA TRP A 753 -3.37 -28.66 20.87
C TRP A 753 -4.64 -27.84 21.07
N LEU A 754 -5.58 -27.92 20.09
CA LEU A 754 -6.86 -27.22 20.16
C LEU A 754 -7.66 -27.66 21.37
N LYS A 755 -7.69 -28.98 21.64
CA LYS A 755 -8.39 -29.58 22.77
C LYS A 755 -7.94 -29.05 24.13
N SER A 756 -6.64 -28.69 24.26
CA SER A 756 -6.07 -28.16 25.50
C SER A 756 -6.28 -26.66 25.64
N LYS A 757 -6.39 -25.94 24.50
CA LYS A 757 -6.57 -24.49 24.44
C LYS A 757 -8.06 -24.10 24.34
N ASN A 758 -8.93 -25.09 24.10
CA ASN A 758 -10.39 -24.93 24.02
C ASN A 758 -11.05 -26.09 24.82
N PRO A 759 -11.06 -26.02 26.18
CA PRO A 759 -11.62 -27.13 26.97
C PRO A 759 -13.15 -27.25 26.91
N GLY A 760 -13.62 -28.49 26.90
CA GLY A 760 -15.04 -28.84 26.89
C GLY A 760 -15.77 -28.33 25.67
N GLU A 761 -16.95 -27.70 25.88
CA GLU A 761 -17.82 -27.15 24.84
C GLU A 761 -17.14 -26.09 23.95
N ALA A 762 -16.09 -25.41 24.47
CA ALA A 762 -15.32 -24.38 23.76
C ALA A 762 -14.64 -24.88 22.48
N LEU A 763 -14.26 -26.18 22.42
CA LEU A 763 -13.60 -26.81 21.26
C LEU A 763 -14.41 -26.74 19.98
N ASP A 764 -15.74 -26.96 20.05
CA ASP A 764 -16.63 -26.93 18.89
C ASP A 764 -16.48 -25.64 18.07
N ARG A 765 -16.26 -24.50 18.77
CA ARG A 765 -16.06 -23.20 18.14
C ARG A 765 -14.76 -23.15 17.33
N ALA A 766 -13.63 -23.54 17.96
CA ALA A 766 -12.31 -23.58 17.36
C ALA A 766 -12.22 -24.37 16.05
N ILE A 767 -12.96 -25.49 15.93
CA ILE A 767 -12.97 -26.31 14.71
C ILE A 767 -13.68 -25.56 13.57
N GLU A 768 -14.74 -24.78 13.89
CA GLU A 768 -15.43 -23.97 12.88
C GLU A 768 -14.48 -22.83 12.48
N GLU A 769 -13.73 -22.25 13.47
CA GLU A 769 -12.73 -21.21 13.26
C GLU A 769 -11.65 -21.71 12.29
N PHE A 770 -11.11 -22.91 12.56
CA PHE A 770 -10.08 -23.59 11.77
C PHE A 770 -10.57 -23.89 10.36
N THR A 771 -11.82 -24.38 10.22
CA THR A 771 -12.44 -24.72 8.93
C THR A 771 -12.61 -23.49 8.05
N LEU A 772 -13.15 -22.40 8.62
CA LEU A 772 -13.43 -21.13 7.93
C LEU A 772 -12.14 -20.45 7.48
N SER A 773 -11.16 -20.32 8.39
CA SER A 773 -9.86 -19.70 8.10
C SER A 773 -9.03 -20.54 7.12
N CYS A 774 -9.07 -21.88 7.24
CA CYS A 774 -8.35 -22.76 6.33
C CYS A 774 -8.91 -22.62 4.92
N ALA A 775 -10.25 -22.56 4.78
CA ALA A 775 -10.96 -22.36 3.52
C ALA A 775 -10.51 -21.07 2.87
N GLY A 776 -10.54 -19.98 3.66
CA GLY A 776 -10.11 -18.65 3.25
C GLY A 776 -8.68 -18.64 2.74
N TYR A 777 -7.74 -19.17 3.55
CA TYR A 777 -6.34 -19.22 3.15
C TYR A 777 -6.07 -20.23 2.01
N CYS A 778 -6.94 -21.24 1.80
CA CYS A 778 -6.79 -22.19 0.69
C CYS A 778 -6.93 -21.45 -0.63
N VAL A 779 -8.02 -20.66 -0.74
CA VAL A 779 -8.40 -19.80 -1.87
C VAL A 779 -7.37 -18.65 -2.02
N ALA A 780 -7.11 -17.93 -0.92
CA ALA A 780 -6.18 -16.80 -0.92
C ALA A 780 -4.85 -17.14 -1.52
N THR A 781 -4.20 -18.22 -1.00
CA THR A 781 -2.89 -18.69 -1.43
C THR A 781 -2.93 -19.31 -2.85
N TYR A 782 -4.09 -19.86 -3.27
CA TYR A 782 -4.22 -20.41 -4.62
C TYR A 782 -4.25 -19.28 -5.65
N VAL A 783 -5.20 -18.32 -5.45
CA VAL A 783 -5.44 -17.11 -6.27
C VAL A 783 -4.16 -16.30 -6.36
N LEU A 784 -3.54 -15.98 -5.21
CA LEU A 784 -2.30 -15.22 -5.15
C LEU A 784 -1.06 -16.02 -5.57
N GLY A 785 -1.16 -17.34 -5.61
CA GLY A 785 -0.06 -18.20 -6.02
C GLY A 785 1.12 -18.24 -5.07
N ILE A 786 0.81 -18.25 -3.77
CA ILE A 786 1.82 -18.33 -2.71
C ILE A 786 2.32 -19.77 -2.58
N GLY A 787 3.57 -19.97 -3.00
CA GLY A 787 4.28 -21.24 -2.95
C GLY A 787 5.25 -21.28 -1.77
N ASP A 788 6.03 -22.37 -1.65
CA ASP A 788 6.99 -22.62 -0.56
C ASP A 788 6.28 -22.58 0.80
N ARG A 789 5.17 -23.35 0.89
CA ARG A 789 4.37 -23.51 2.09
C ARG A 789 4.82 -24.77 2.80
N HIS A 790 5.05 -24.64 4.10
CA HIS A 790 5.47 -25.67 5.03
C HIS A 790 5.03 -25.28 6.45
N SER A 791 5.12 -26.21 7.40
CA SER A 791 4.69 -26.01 8.79
C SER A 791 5.36 -24.83 9.51
N ASP A 792 6.52 -24.36 9.00
CA ASP A 792 7.25 -23.24 9.58
C ASP A 792 6.66 -21.86 9.23
N ASN A 793 5.83 -21.76 8.15
CA ASN A 793 5.24 -20.46 7.75
C ASN A 793 3.71 -20.47 7.59
N ILE A 794 3.03 -21.26 8.41
CA ILE A 794 1.58 -21.39 8.54
C ILE A 794 1.43 -21.51 10.05
N MET A 795 0.58 -20.65 10.66
CA MET A 795 0.39 -20.58 12.11
C MET A 795 -1.05 -20.84 12.54
N ILE A 796 -1.26 -21.16 13.83
CA ILE A 796 -2.58 -21.40 14.43
C ILE A 796 -2.71 -20.52 15.65
N ARG A 797 -3.84 -19.83 15.79
CA ARG A 797 -4.16 -19.05 17.00
C ARG A 797 -4.79 -20.05 17.99
N GLU A 798 -4.68 -19.81 19.33
CA GLU A 798 -5.28 -20.72 20.34
C GLU A 798 -6.81 -20.80 20.15
N SER A 799 -7.41 -19.77 19.52
CA SER A 799 -8.83 -19.60 19.17
C SER A 799 -9.28 -20.61 18.11
N GLY A 800 -8.31 -21.22 17.40
CA GLY A 800 -8.54 -22.18 16.33
C GLY A 800 -8.19 -21.66 14.94
N GLN A 801 -8.13 -20.33 14.80
CA GLN A 801 -7.86 -19.61 13.54
C GLN A 801 -6.49 -19.91 12.89
N LEU A 802 -6.53 -20.41 11.65
CA LEU A 802 -5.34 -20.68 10.88
C LEU A 802 -4.99 -19.40 10.09
N PHE A 803 -3.68 -19.18 9.80
CA PHE A 803 -3.13 -18.05 9.02
C PHE A 803 -1.73 -18.33 8.50
N HIS A 804 -1.24 -17.51 7.56
CA HIS A 804 0.08 -17.68 6.93
C HIS A 804 0.99 -16.51 7.17
N ILE A 805 2.28 -16.81 7.31
CA ILE A 805 3.35 -15.84 7.48
C ILE A 805 4.37 -16.04 6.35
N ASP A 806 5.40 -15.19 6.29
CA ASP A 806 6.46 -15.21 5.26
C ASP A 806 5.92 -15.33 3.80
N PHE A 807 5.54 -14.21 3.17
CA PHE A 807 5.08 -14.19 1.79
C PHE A 807 6.17 -13.64 0.87
N GLY A 808 7.36 -14.22 0.99
CA GLY A 808 8.52 -13.84 0.17
C GLY A 808 8.35 -14.24 -1.29
N HIS A 809 7.43 -15.20 -1.55
CA HIS A 809 7.14 -15.71 -2.88
C HIS A 809 5.63 -15.72 -3.19
N PHE A 810 5.26 -15.18 -4.36
CA PHE A 810 3.88 -15.12 -4.83
C PHE A 810 3.81 -15.23 -6.35
N LEU A 811 2.58 -15.29 -6.92
CA LEU A 811 2.29 -15.41 -8.35
C LEU A 811 2.98 -16.64 -8.96
N GLY A 812 3.02 -17.73 -8.18
CA GLY A 812 3.62 -19.01 -8.54
C GLY A 812 5.12 -18.99 -8.63
N ASN A 813 5.76 -17.84 -8.30
CA ASN A 813 7.21 -17.66 -8.37
C ASN A 813 7.93 -18.35 -7.20
N PHE A 814 8.41 -19.56 -7.51
CA PHE A 814 9.18 -20.53 -6.72
C PHE A 814 10.45 -19.92 -6.13
N ARG A 824 3.37 -21.86 -11.92
CA ARG A 824 1.95 -22.21 -11.81
C ARG A 824 1.74 -23.20 -10.64
N VAL A 825 1.49 -22.67 -9.42
CA VAL A 825 1.31 -23.50 -8.22
C VAL A 825 -0.10 -24.13 -8.17
N PRO A 826 -0.23 -25.40 -7.70
CA PRO A 826 -1.57 -26.00 -7.60
C PRO A 826 -2.29 -25.54 -6.31
N PHE A 827 -3.53 -25.99 -6.11
CA PHE A 827 -4.28 -25.71 -4.90
C PHE A 827 -3.61 -26.53 -3.77
N ILE A 828 -3.56 -26.00 -2.52
CA ILE A 828 -2.91 -26.69 -1.41
C ILE A 828 -3.93 -27.36 -0.48
N LEU A 829 -3.68 -28.62 -0.08
CA LEU A 829 -4.48 -29.42 0.85
C LEU A 829 -3.64 -30.43 1.63
N THR A 830 -3.68 -30.33 2.97
CA THR A 830 -2.92 -31.16 3.89
C THR A 830 -3.85 -31.99 4.74
N TYR A 831 -3.51 -33.29 4.90
CA TYR A 831 -4.25 -34.25 5.72
C TYR A 831 -4.32 -33.82 7.18
N ASP A 832 -3.29 -33.11 7.65
CA ASP A 832 -3.24 -32.60 9.02
C ASP A 832 -4.41 -31.67 9.33
N PHE A 833 -4.84 -30.92 8.31
CA PHE A 833 -5.94 -29.96 8.38
C PHE A 833 -7.29 -30.64 8.14
N VAL A 834 -7.40 -31.49 7.09
CA VAL A 834 -8.62 -32.24 6.76
C VAL A 834 -9.11 -33.05 7.99
N HIS A 835 -8.15 -33.67 8.71
CA HIS A 835 -8.40 -34.44 9.94
C HIS A 835 -9.12 -33.56 10.99
N VAL A 836 -8.64 -32.32 11.16
CA VAL A 836 -9.17 -31.30 12.09
C VAL A 836 -10.55 -30.83 11.63
N ILE A 837 -10.74 -30.62 10.31
CA ILE A 837 -12.03 -30.20 9.73
C ILE A 837 -13.08 -31.30 10.00
N GLN A 838 -12.70 -32.57 9.78
CA GLN A 838 -13.54 -33.75 10.01
C GLN A 838 -13.69 -34.12 11.51
N GLN A 839 -13.53 -33.10 12.40
CA GLN A 839 -13.66 -33.15 13.87
C GLN A 839 -12.76 -34.18 14.56
N GLY A 840 -11.77 -34.68 13.85
CA GLY A 840 -10.83 -35.67 14.34
C GLY A 840 -11.27 -37.09 14.08
N LYS A 841 -12.20 -37.25 13.10
CA LYS A 841 -12.78 -38.52 12.67
C LYS A 841 -12.27 -38.89 11.27
N THR A 842 -12.03 -40.19 11.03
CA THR A 842 -11.52 -40.74 9.77
C THR A 842 -12.43 -40.43 8.57
N ASN A 843 -13.76 -40.45 8.78
CA ASN A 843 -14.78 -40.18 7.76
C ASN A 843 -15.91 -39.29 8.32
N ASN A 844 -16.01 -38.07 7.78
CA ASN A 844 -17.01 -37.05 8.15
C ASN A 844 -17.18 -36.12 6.95
N SER A 845 -17.89 -36.59 5.91
CA SER A 845 -18.12 -35.80 4.70
C SER A 845 -19.11 -34.65 4.89
N GLU A 846 -19.94 -34.69 5.95
CA GLU A 846 -20.89 -33.62 6.28
C GLU A 846 -20.09 -32.33 6.55
N LYS A 847 -18.99 -32.46 7.33
CA LYS A 847 -18.11 -31.36 7.67
C LYS A 847 -17.22 -30.97 6.52
N PHE A 848 -16.71 -31.95 5.74
CA PHE A 848 -15.84 -31.73 4.60
C PHE A 848 -16.56 -31.08 3.40
N GLU A 849 -17.78 -31.52 3.07
CA GLU A 849 -18.52 -30.95 1.94
C GLU A 849 -19.03 -29.54 2.24
N ARG A 850 -19.22 -29.19 3.54
CA ARG A 850 -19.60 -27.83 3.97
C ARG A 850 -18.38 -26.93 3.73
N PHE A 851 -17.17 -27.47 4.05
CA PHE A 851 -15.86 -26.85 3.85
C PHE A 851 -15.57 -26.67 2.37
N ARG A 852 -15.96 -27.63 1.52
CA ARG A 852 -15.78 -27.57 0.07
C ARG A 852 -16.62 -26.40 -0.46
N GLY A 853 -17.74 -26.11 0.21
CA GLY A 853 -18.63 -25.01 -0.11
C GLY A 853 -17.98 -23.67 0.18
N TYR A 854 -17.36 -23.57 1.36
CA TYR A 854 -16.64 -22.40 1.83
C TYR A 854 -15.60 -21.96 0.81
N CYS A 855 -14.85 -22.92 0.22
CA CYS A 855 -13.82 -22.66 -0.78
C CYS A 855 -14.44 -22.13 -2.07
N GLU A 856 -15.47 -22.84 -2.59
CA GLU A 856 -16.19 -22.50 -3.82
C GLU A 856 -16.77 -21.09 -3.76
N ARG A 857 -17.51 -20.77 -2.67
CA ARG A 857 -18.17 -19.48 -2.42
C ARG A 857 -17.15 -18.33 -2.40
N ALA A 858 -16.09 -18.46 -1.54
CA ALA A 858 -14.97 -17.53 -1.41
C ALA A 858 -14.35 -17.27 -2.76
N TYR A 859 -14.11 -18.34 -3.55
CA TYR A 859 -13.53 -18.27 -4.89
C TYR A 859 -14.42 -17.51 -5.88
N THR A 860 -15.75 -17.74 -5.83
CA THR A 860 -16.69 -17.08 -6.74
C THR A 860 -16.81 -15.59 -6.42
N ILE A 861 -16.88 -15.21 -5.12
CA ILE A 861 -16.95 -13.82 -4.66
C ILE A 861 -15.74 -13.03 -5.18
N LEU A 862 -14.52 -13.61 -5.04
CA LEU A 862 -13.26 -13.02 -5.51
C LEU A 862 -13.25 -12.82 -7.02
N ARG A 863 -13.74 -13.83 -7.75
CA ARG A 863 -13.83 -13.84 -9.22
C ARG A 863 -14.68 -12.70 -9.76
N ARG A 864 -15.70 -12.27 -8.98
CA ARG A 864 -16.62 -11.17 -9.30
C ARG A 864 -15.92 -9.80 -9.21
N HIS A 865 -14.75 -9.76 -8.56
CA HIS A 865 -13.93 -8.56 -8.40
C HIS A 865 -12.54 -8.82 -8.97
N GLY A 866 -12.42 -9.78 -9.87
CA GLY A 866 -11.17 -10.14 -10.52
C GLY A 866 -10.45 -8.94 -11.10
N LEU A 867 -11.20 -8.07 -11.80
CA LEU A 867 -10.67 -6.84 -12.39
C LEU A 867 -10.12 -5.87 -11.32
N LEU A 868 -10.69 -5.88 -10.08
CA LEU A 868 -10.16 -5.04 -9.00
C LEU A 868 -8.73 -5.49 -8.65
N PHE A 869 -8.51 -6.82 -8.51
CA PHE A 869 -7.19 -7.39 -8.26
C PHE A 869 -6.29 -7.14 -9.47
N LEU A 870 -6.87 -7.17 -10.68
CA LEU A 870 -6.07 -6.89 -11.89
C LEU A 870 -5.63 -5.43 -12.00
N HIS A 871 -6.47 -4.47 -11.64
CA HIS A 871 -6.08 -3.06 -11.72
C HIS A 871 -5.09 -2.69 -10.64
N LEU A 872 -5.27 -3.23 -9.42
CA LEU A 872 -4.37 -2.97 -8.31
C LEU A 872 -2.98 -3.54 -8.57
N PHE A 873 -2.86 -4.77 -9.08
CA PHE A 873 -1.57 -5.38 -9.43
C PHE A 873 -0.86 -4.68 -10.60
N ALA A 874 -1.62 -4.20 -11.60
CA ALA A 874 -1.07 -3.47 -12.75
C ALA A 874 -0.50 -2.11 -12.33
N LEU A 875 -1.12 -1.46 -11.31
CA LEU A 875 -0.63 -0.19 -10.76
C LEU A 875 0.62 -0.47 -9.94
N MET A 876 0.69 -1.65 -9.28
CA MET A 876 1.81 -2.06 -8.45
C MET A 876 3.12 -2.26 -9.18
N ARG A 877 3.07 -2.62 -10.48
CA ARG A 877 4.26 -2.83 -11.32
C ARG A 877 5.29 -1.71 -11.21
N ALA A 878 4.83 -0.49 -10.83
CA ALA A 878 5.61 0.72 -10.62
C ALA A 878 6.65 0.58 -9.48
N ALA A 879 6.35 -0.28 -8.47
CA ALA A 879 7.19 -0.56 -7.30
C ALA A 879 8.57 -1.18 -7.62
N GLY A 880 8.63 -1.97 -8.68
CA GLY A 880 9.85 -2.64 -9.07
C GLY A 880 10.06 -3.93 -8.30
N LEU A 881 8.96 -4.54 -7.84
CA LEU A 881 8.98 -5.82 -7.12
C LEU A 881 9.44 -6.87 -8.14
N PRO A 882 10.56 -7.61 -7.88
CA PRO A 882 11.05 -8.57 -8.89
C PRO A 882 10.02 -9.60 -9.37
N GLU A 883 9.07 -10.02 -8.50
CA GLU A 883 8.07 -11.03 -8.88
C GLU A 883 6.75 -10.41 -9.42
N LEU A 884 6.77 -9.09 -9.67
CA LEU A 884 5.67 -8.30 -10.25
C LEU A 884 6.31 -7.21 -11.15
N SER A 885 7.13 -7.66 -12.13
CA SER A 885 7.89 -6.83 -13.06
C SER A 885 7.34 -6.76 -14.49
N CYS A 886 6.55 -7.77 -14.92
CA CYS A 886 6.03 -7.84 -16.29
C CYS A 886 4.58 -8.33 -16.40
N SER A 887 4.19 -8.74 -17.63
CA SER A 887 2.88 -9.24 -18.03
C SER A 887 2.65 -10.67 -17.59
N LYS A 888 3.71 -11.51 -17.62
CA LYS A 888 3.64 -12.94 -17.22
C LYS A 888 3.15 -13.09 -15.79
N ASP A 889 3.48 -12.12 -14.92
CA ASP A 889 3.12 -12.08 -13.52
C ASP A 889 1.60 -11.81 -13.33
N ILE A 890 1.05 -10.77 -14.02
CA ILE A 890 -0.37 -10.39 -14.00
C ILE A 890 -1.19 -11.58 -14.53
N GLN A 891 -0.64 -12.28 -15.54
CA GLN A 891 -1.25 -13.46 -16.15
C GLN A 891 -1.57 -14.56 -15.12
N TYR A 892 -0.68 -14.77 -14.09
CA TYR A 892 -0.94 -15.79 -13.07
C TYR A 892 -2.33 -15.58 -12.46
N LEU A 893 -2.62 -14.32 -12.04
CA LEU A 893 -3.89 -13.88 -11.45
C LEU A 893 -5.05 -14.09 -12.42
N LYS A 894 -4.86 -13.74 -13.72
CA LYS A 894 -5.86 -13.91 -14.81
C LYS A 894 -6.28 -15.37 -14.92
N ASP A 895 -5.30 -16.30 -14.80
CA ASP A 895 -5.52 -17.74 -14.87
C ASP A 895 -6.06 -18.36 -13.56
N SER A 896 -5.54 -17.94 -12.39
CA SER A 896 -5.98 -18.45 -11.08
C SER A 896 -7.41 -17.99 -10.80
N LEU A 897 -7.80 -16.81 -11.33
CA LEU A 897 -9.15 -16.28 -11.19
C LEU A 897 -10.05 -16.61 -12.38
N ALA A 898 -9.51 -17.27 -13.44
CA ALA A 898 -10.20 -17.68 -14.66
C ALA A 898 -11.21 -16.60 -15.13
N LEU A 899 -10.70 -15.38 -15.38
CA LEU A 899 -11.53 -14.25 -15.77
C LEU A 899 -11.96 -14.27 -17.26
N GLY A 900 -11.32 -15.12 -18.07
CA GLY A 900 -11.66 -15.31 -19.47
C GLY A 900 -12.65 -16.43 -19.72
N LYS A 901 -13.35 -16.90 -18.64
CA LYS A 901 -14.35 -17.98 -18.62
C LYS A 901 -15.57 -17.56 -17.78
N THR A 902 -16.74 -18.15 -18.05
CA THR A 902 -18.00 -17.88 -17.32
C THR A 902 -17.96 -18.49 -15.93
N GLU A 903 -18.87 -18.06 -15.02
CA GLU A 903 -18.94 -18.54 -13.63
C GLU A 903 -19.13 -20.06 -13.50
N GLU A 904 -19.85 -20.68 -14.46
CA GLU A 904 -20.09 -22.12 -14.48
C GLU A 904 -18.82 -22.88 -14.91
N GLU A 905 -18.17 -22.44 -16.00
CA GLU A 905 -16.95 -23.02 -16.55
C GLU A 905 -15.76 -22.86 -15.60
N ALA A 906 -15.80 -21.82 -14.73
CA ALA A 906 -14.76 -21.52 -13.73
C ALA A 906 -14.90 -22.38 -12.47
N LEU A 907 -16.15 -22.61 -12.00
CA LEU A 907 -16.44 -23.42 -10.82
C LEU A 907 -16.14 -24.91 -11.02
N LYS A 908 -16.25 -25.39 -12.27
CA LYS A 908 -15.92 -26.78 -12.65
C LYS A 908 -14.38 -26.92 -12.68
N HIS A 909 -13.70 -25.98 -13.38
CA HIS A 909 -12.25 -25.87 -13.53
C HIS A 909 -11.57 -25.76 -12.16
N PHE A 910 -12.25 -25.12 -11.17
CA PHE A 910 -11.76 -24.98 -9.80
C PHE A 910 -11.83 -26.32 -9.07
N ARG A 911 -12.99 -27.02 -9.13
CA ARG A 911 -13.21 -28.34 -8.51
C ARG A 911 -12.12 -29.33 -8.93
N VAL A 912 -11.68 -29.22 -10.21
CA VAL A 912 -10.63 -30.02 -10.83
C VAL A 912 -9.30 -29.80 -10.06
N LYS A 913 -8.97 -28.52 -9.76
CA LYS A 913 -7.76 -28.16 -9.03
C LYS A 913 -7.89 -28.57 -7.56
N PHE A 914 -9.13 -28.45 -7.00
CA PHE A 914 -9.47 -28.80 -5.62
C PHE A 914 -9.32 -30.32 -5.36
N ASN A 915 -9.81 -31.17 -6.31
CA ASN A 915 -9.74 -32.63 -6.23
C ASN A 915 -8.31 -33.16 -6.40
N GLU A 916 -7.52 -32.54 -7.30
CA GLU A 916 -6.12 -32.90 -7.55
C GLU A 916 -5.20 -32.50 -6.37
N ALA A 917 -5.68 -31.59 -5.51
CA ALA A 917 -5.01 -31.13 -4.28
C ALA A 917 -5.36 -32.11 -3.16
N LEU A 918 -6.55 -32.74 -3.27
CA LEU A 918 -7.09 -33.73 -2.36
C LEU A 918 -6.49 -35.11 -2.66
N ARG A 919 -6.17 -35.38 -3.95
CA ARG A 919 -5.56 -36.64 -4.39
C ARG A 919 -4.09 -36.71 -4.01
N GLU A 920 -3.42 -35.53 -3.91
CA GLU A 920 -2.02 -35.41 -3.51
C GLU A 920 -1.90 -35.49 -1.96
N SER A 921 -3.02 -35.23 -1.24
CA SER A 921 -3.11 -35.31 0.22
C SER A 921 -2.98 -36.79 0.65
N TRP A 922 -1.70 -37.23 0.81
CA TRP A 922 -1.25 -38.59 1.15
C TRP A 922 -1.73 -39.62 0.13
C1 74L B . 4.91 -17.55 19.71
C3 74L B . 6.18 -17.18 17.51
N6 74L B . 4.28 -16.06 17.74
C7 74L B . 4.27 -14.79 15.58
C8 74L B . 3.14 -14.01 15.82
C10 74L B . 3.41 -12.91 13.80
C11 74L B . 4.59 -13.67 13.54
C13 74L B . 5.47 -13.51 12.34
C14 74L B . 5.09 -13.12 11.03
C22 74L B . 8.88 -16.26 9.84
C27 74L B . 7.79 -18.95 16.50
C30 74L B . 10.82 -17.21 19.25
C31 74L B . 10.59 -15.95 19.80
C32 74L B . 9.34 -15.37 19.66
C33 74L B . 8.34 -16.04 18.95
N2 74L B . 5.14 -16.98 18.37
N4 74L B . 5.96 -16.43 16.46
C5 74L B . 4.80 -15.76 16.58
N9 74L B . 2.73 -13.13 14.91
N12 74L B . 4.97 -14.56 14.46
N15 74L B . 6.15 -13.09 10.29
N16 74L B . 7.26 -13.50 11.04
C17 74L B . 6.81 -13.73 12.30
S18 74L B . 8.82 -13.61 10.48
O19 74L B . 9.62 -12.75 11.28
O20 74L B . 8.69 -13.40 9.07
N21 74L B . 9.38 -15.17 10.68
C23 74L B . 10.41 -15.46 11.68
N24 74L B . 2.93 -11.94 12.93
C25 74L B . 7.43 -18.03 17.69
C26 74L B . 7.30 -19.55 17.81
C28 74L B . 8.56 -17.32 18.42
C29 74L B . 9.82 -17.89 18.58
#